data_9CPP
#
_entry.id   9CPP
#
_cell.length_a   110.267
_cell.length_b   110.267
_cell.length_c   225.451
_cell.angle_alpha   90.00
_cell.angle_beta   90.00
_cell.angle_gamma   90.00
#
_symmetry.space_group_name_H-M   'P 41 21 2'
#
loop_
_entity.id
_entity.type
_entity.pdbx_description
1 polymer 'Spike protein S1'
2 polymer 'CC12.3 Fab heavy chain'
3 polymer 'CC12.3 Fab light chain'
4 polymer 'M22-17 Fab heavy chain'
5 polymer 'M22-17 Fab light chain'
6 branched beta-D-mannopyranose-(1-4)-2-acetamido-2-deoxy-beta-D-glucopyranose-(1-4)-2-acetamido-2-deoxy-beta-D-glucopyranose
7 non-polymer 'CITRIC ACID'
#
loop_
_entity_poly.entity_id
_entity_poly.type
_entity_poly.pdbx_seq_one_letter_code
_entity_poly.pdbx_strand_id
1 'polypeptide(L)'
;TNLCPFGEVFNATRFASVYAWNRKRISNCVADYSVLYNSASFSTFKCYGVSPTKLNDLCFTNVYADSFVIRGDEVRQIAP
GQTGKIADYNYKLPDDFTGCVIAWNSNNLDSKVGGNYNYLYRLFRKSNLKPFERDISTEIYQAGSTPCNGVEGFNCYFPL
QSYGFQPTNGVGYQPYRVVVLSFELLHAPATVCGPKKSGHHHHHH
;
A
2 'polypeptide(L)'
;QVQLVESGGGLIQPGGSLRLSCAASGFTVSSNYMSWVRQAPGKGLEWVSVIYSGGSTFYADSVKGRFTISRDNSKSTLYL
QMNSLRVEDTAVYYCARDFGDFYFDYWGQGTLVTVSSASTKGPSVFPLAPSSKSTSGGTAALGCLVKDYFPEPVTVSWNS
GALTSGVHTFPAVLQSSGLYSLSSVVTVPSSSLGTQTYICNVNHKPSNTKVDKKVEPKSC
;
F
3 'polypeptide(L)'
;EIVLTQSPGTLSLSPGERATLSCRASQSVSSYLAWYQQKPGQAPRLLIYGASSRATGIPDRFSGSGSGTDFTLTISRLEP
EDFAVYYCQQYGSSPRTFGQGTKLEIKRTVAAPSVFIFPPSDEQLKSGTASVVCLLNNFYPREAKVQWKVDNALQSGNSQ
ESVTEQDSKDSTYSLSSTLTLSKADYEKHKVYACEVTHQGLSSPVTKSFNRGEC
;
G
4 'polypeptide(L)'
;QMQLVQSGTEVKKPGESLKISCKGSGYGFITYWIGWVRQMPGKGLEWMGIIYPGDSETRYSPSFQGQVTISADKSINTAY
LQWSSLKASDTAIYYCAGGSGIFTPMDVWGQGTTVAVSSASTKGPSVFPLAPSSKSTSGGTAALGCLVKDYFPEPVTVSW
NSGALTSGVHTFPAVLQSSGLYSLSSVVTVPSSSLGTQTYICNVNHKPSNTKVDKKVEPKSC
;
H
5 'polypeptide(L)'
;DIQLTQSPDSLAVSLGERATINCKSSQSVLYSSINKNYLAWYQQKPGQPPKLLIYWTSTRESGVPDRFSGSGSGTDFTLT
ISSLQAEDVAVYYCQQYYSTPYTFGQGTKVEIKRTVAAPSVFIFPPSDEQLKSGTASVVCLLNNFYPREAKVQWKVDNAL
QSGNSQESVTEQDSKDSTYSLSSTLTLSKADYEKHKVYACEVTHQGLSSPVTKSFNRGEC
;
L
#
loop_
_chem_comp.id
_chem_comp.type
_chem_comp.name
_chem_comp.formula
BMA D-saccharide, beta linking beta-D-mannopyranose 'C6 H12 O6'
CIT non-polymer 'CITRIC ACID' 'C6 H8 O7'
NAG D-saccharide, beta linking 2-acetamido-2-deoxy-beta-D-glucopyranose 'C8 H15 N O6'
#
# COMPACT_ATOMS: atom_id res chain seq x y z
N ASN A 2 -18.28 43.64 -6.33
CA ASN A 2 -16.93 43.74 -5.79
C ASN A 2 -16.41 42.35 -5.43
N LEU A 3 -16.61 41.40 -6.34
CA LEU A 3 -16.21 40.02 -6.11
C LEU A 3 -14.79 39.77 -6.61
N CYS A 4 -14.13 38.79 -5.99
CA CYS A 4 -12.75 38.47 -6.35
C CYS A 4 -12.69 37.82 -7.73
N PRO A 5 -11.61 38.08 -8.49
CA PRO A 5 -11.52 37.58 -9.87
C PRO A 5 -11.03 36.13 -9.96
N PHE A 6 -11.83 35.21 -9.41
CA PHE A 6 -11.48 33.80 -9.50
C PHE A 6 -11.66 33.27 -10.92
N GLY A 7 -12.63 33.79 -11.66
CA GLY A 7 -12.87 33.32 -13.02
C GLY A 7 -11.71 33.60 -13.96
N GLU A 8 -10.99 34.70 -13.74
CA GLU A 8 -9.85 35.02 -14.58
C GLU A 8 -8.78 33.94 -14.49
N VAL A 9 -8.66 33.28 -13.35
CA VAL A 9 -7.63 32.27 -13.12
C VAL A 9 -8.12 30.91 -13.61
N PHE A 10 -9.26 30.44 -13.08
CA PHE A 10 -9.75 29.11 -13.41
C PHE A 10 -10.15 29.03 -14.88
N ASN A 11 -10.95 29.98 -15.36
CA ASN A 11 -11.50 29.93 -16.70
C ASN A 11 -10.62 30.62 -17.72
N ALA A 12 -9.31 30.70 -17.47
CA ALA A 12 -8.39 31.36 -18.39
C ALA A 12 -8.32 30.59 -19.71
N THR A 13 -8.21 31.33 -20.81
CA THR A 13 -8.13 30.71 -22.13
C THR A 13 -6.87 29.87 -22.26
N ARG A 14 -5.75 30.37 -21.74
CA ARG A 14 -4.48 29.66 -21.77
C ARG A 14 -3.93 29.55 -20.36
N PHE A 15 -3.05 28.56 -20.17
CA PHE A 15 -2.38 28.35 -18.90
C PHE A 15 -0.87 28.36 -19.12
N ALA A 16 -0.14 28.65 -18.05
CA ALA A 16 1.31 28.72 -18.10
C ALA A 16 1.94 27.36 -17.85
N SER A 17 3.19 27.22 -18.27
CA SER A 17 3.95 26.02 -18.00
C SER A 17 4.22 25.90 -16.50
N VAL A 18 4.47 24.67 -16.04
CA VAL A 18 4.60 24.43 -14.61
C VAL A 18 5.84 25.14 -14.07
N TYR A 19 6.93 25.17 -14.83
CA TYR A 19 8.14 25.84 -14.35
C TYR A 19 7.91 27.33 -14.18
N ALA A 20 7.22 27.96 -15.13
CA ALA A 20 6.82 29.37 -15.02
C ALA A 20 5.36 29.48 -14.59
N TRP A 21 5.06 28.99 -13.39
CA TRP A 21 3.69 28.95 -12.91
C TRP A 21 3.21 30.36 -12.56
N ASN A 22 2.06 30.73 -13.13
CA ASN A 22 1.48 32.04 -12.85
C ASN A 22 0.88 32.08 -11.44
N ARG A 23 0.99 33.25 -10.82
CA ARG A 23 0.40 33.50 -9.51
C ARG A 23 -0.41 34.79 -9.57
N LYS A 24 -1.64 34.75 -9.09
CA LYS A 24 -2.51 35.93 -9.06
C LYS A 24 -2.79 36.29 -7.61
N ARG A 25 -2.31 37.46 -7.20
CA ARG A 25 -2.57 37.96 -5.85
C ARG A 25 -3.99 38.50 -5.77
N ILE A 26 -4.73 38.04 -4.77
CA ILE A 26 -6.14 38.39 -4.61
C ILE A 26 -6.31 39.07 -3.26
N SER A 27 -6.83 40.29 -3.28
CA SER A 27 -6.99 41.07 -2.05
C SER A 27 -8.08 42.12 -2.26
N ASN A 28 -8.59 42.62 -1.14
CA ASN A 28 -9.55 43.73 -1.12
C ASN A 28 -10.79 43.41 -1.95
N CYS A 29 -11.38 42.25 -1.69
CA CYS A 29 -12.58 41.83 -2.40
C CYS A 29 -13.32 40.80 -1.55
N VAL A 30 -14.59 40.63 -1.86
CA VAL A 30 -15.44 39.64 -1.20
C VAL A 30 -15.50 38.42 -2.12
N ALA A 31 -15.14 37.25 -1.58
CA ALA A 31 -14.96 36.06 -2.38
C ALA A 31 -16.12 35.10 -2.13
N ASP A 32 -16.71 34.61 -3.21
CA ASP A 32 -17.75 33.58 -3.16
C ASP A 32 -17.18 32.31 -3.79
N TYR A 33 -16.96 31.29 -2.97
CA TYR A 33 -16.35 30.06 -3.42
C TYR A 33 -17.36 28.98 -3.77
N SER A 34 -18.66 29.30 -3.71
CA SER A 34 -19.69 28.30 -4.00
C SER A 34 -19.61 27.82 -5.44
N VAL A 35 -19.13 28.66 -6.35
CA VAL A 35 -18.95 28.25 -7.74
C VAL A 35 -17.88 27.18 -7.89
N LEU A 36 -17.07 26.95 -6.86
CA LEU A 36 -15.97 25.99 -6.92
C LEU A 36 -16.33 24.65 -6.28
N TYR A 37 -16.74 24.65 -5.01
CA TYR A 37 -17.02 23.39 -4.33
C TYR A 37 -18.35 22.77 -4.72
N ASN A 38 -19.23 23.52 -5.39
CA ASN A 38 -20.43 22.95 -5.97
C ASN A 38 -20.24 22.52 -7.42
N SER A 39 -19.06 22.76 -7.98
CA SER A 39 -18.80 22.36 -9.36
C SER A 39 -18.58 20.85 -9.45
N ALA A 40 -18.69 20.33 -10.67
CA ALA A 40 -18.51 18.90 -10.93
C ALA A 40 -17.50 18.64 -12.04
N SER A 41 -16.74 19.65 -12.46
CA SER A 41 -15.78 19.47 -13.55
C SER A 41 -14.41 19.02 -13.07
N PHE A 42 -14.04 19.32 -11.83
CA PHE A 42 -12.71 19.00 -11.34
C PHE A 42 -12.57 17.50 -11.08
N SER A 43 -11.41 16.95 -11.43
CA SER A 43 -11.11 15.56 -11.16
C SER A 43 -10.54 15.34 -9.77
N THR A 44 -9.71 16.27 -9.29
CA THR A 44 -9.14 16.20 -7.95
C THR A 44 -9.34 17.54 -7.26
N PHE A 45 -9.74 17.48 -5.98
CA PHE A 45 -9.93 18.69 -5.17
C PHE A 45 -9.57 18.30 -3.74
N LYS A 46 -8.30 18.50 -3.38
CA LYS A 46 -7.77 18.09 -2.09
C LYS A 46 -7.41 19.32 -1.28
N CYS A 47 -8.13 19.52 -0.18
CA CYS A 47 -7.93 20.68 0.68
C CYS A 47 -7.18 20.25 1.94
N TYR A 48 -6.14 21.01 2.28
CA TYR A 48 -5.29 20.73 3.44
C TYR A 48 -5.44 21.87 4.44
N GLY A 49 -5.99 21.56 5.61
CA GLY A 49 -6.07 22.52 6.70
C GLY A 49 -7.22 23.51 6.60
N VAL A 50 -7.96 23.54 5.50
CA VAL A 50 -9.08 24.44 5.32
C VAL A 50 -10.26 23.65 4.76
N SER A 51 -11.46 24.17 4.98
CA SER A 51 -12.70 23.52 4.56
C SER A 51 -13.43 24.36 3.52
N PRO A 52 -13.47 23.94 2.26
CA PRO A 52 -14.09 24.78 1.22
C PRO A 52 -15.53 25.20 1.52
N THR A 53 -16.34 24.36 2.17
CA THR A 53 -17.68 24.79 2.53
C THR A 53 -17.64 25.97 3.50
N LYS A 54 -16.69 25.96 4.43
CA LYS A 54 -16.52 27.06 5.36
C LYS A 54 -15.73 28.23 4.77
N LEU A 55 -15.52 28.24 3.45
CA LEU A 55 -14.78 29.34 2.83
C LEU A 55 -15.59 30.64 2.83
N ASN A 56 -16.90 30.55 2.66
CA ASN A 56 -17.76 31.74 2.70
C ASN A 56 -18.18 32.07 4.13
N ASP A 57 -17.22 32.06 5.06
CA ASP A 57 -17.52 32.44 6.44
C ASP A 57 -16.46 33.30 7.10
N LEU A 58 -15.21 33.27 6.67
CA LEU A 58 -14.11 33.87 7.41
C LEU A 58 -13.41 34.95 6.57
N CYS A 59 -12.31 35.47 7.11
CA CYS A 59 -11.53 36.52 6.46
C CYS A 59 -10.06 36.12 6.43
N PHE A 60 -9.35 36.61 5.41
CA PHE A 60 -7.92 36.40 5.27
C PHE A 60 -7.27 37.68 4.80
N THR A 61 -5.94 37.72 4.90
CA THR A 61 -5.20 38.89 4.43
C THR A 61 -4.99 38.85 2.92
N ASN A 62 -4.51 37.71 2.40
CA ASN A 62 -4.30 37.56 0.97
C ASN A 62 -4.55 36.11 0.57
N VAL A 63 -5.00 35.93 -0.67
CA VAL A 63 -5.23 34.62 -1.25
C VAL A 63 -4.47 34.55 -2.57
N TYR A 64 -3.73 33.46 -2.78
CA TYR A 64 -2.94 33.27 -3.99
C TYR A 64 -3.55 32.16 -4.84
N ALA A 65 -3.61 32.40 -6.15
CA ALA A 65 -4.08 31.42 -7.11
C ALA A 65 -2.94 31.13 -8.08
N ASP A 66 -2.41 29.91 -8.01
CA ASP A 66 -1.28 29.49 -8.83
C ASP A 66 -1.78 28.59 -9.96
N SER A 67 -1.47 28.96 -11.19
CA SER A 67 -1.98 28.27 -12.38
C SER A 67 -0.82 27.66 -13.16
N PHE A 68 -0.99 26.41 -13.58
CA PHE A 68 -0.02 25.74 -14.43
C PHE A 68 -0.66 24.46 -14.96
N VAL A 69 0.07 23.78 -15.85
CA VAL A 69 -0.39 22.55 -16.48
C VAL A 69 0.68 21.48 -16.29
N ILE A 70 0.25 20.31 -15.84
CA ILE A 70 1.12 19.16 -15.63
C ILE A 70 0.44 17.92 -16.21
N ARG A 71 1.09 16.78 -16.04
CA ARG A 71 0.52 15.50 -16.44
C ARG A 71 -0.35 14.92 -15.33
N GLY A 72 -1.12 13.89 -15.69
CA GLY A 72 -1.95 13.24 -14.70
C GLY A 72 -1.15 12.52 -13.63
N ASP A 73 -0.05 11.88 -14.02
CA ASP A 73 0.80 11.18 -13.07
C ASP A 73 1.46 12.13 -12.08
N GLU A 74 1.53 13.42 -12.41
CA GLU A 74 2.21 14.42 -11.58
C GLU A 74 1.26 15.22 -10.71
N VAL A 75 -0.06 15.00 -10.84
CA VAL A 75 -1.00 15.70 -9.98
C VAL A 75 -0.79 15.30 -8.53
N ARG A 76 -0.41 14.05 -8.28
CA ARG A 76 -0.12 13.61 -6.92
C ARG A 76 1.02 14.40 -6.30
N GLN A 77 1.95 14.90 -7.12
CA GLN A 77 3.11 15.62 -6.61
C GLN A 77 2.77 17.01 -6.10
N ILE A 78 1.56 17.52 -6.38
CA ILE A 78 1.14 18.83 -5.85
C ILE A 78 0.48 18.54 -4.52
N ALA A 79 1.32 18.39 -3.49
CA ALA A 79 0.87 18.07 -2.13
C ALA A 79 2.04 18.26 -1.17
N PRO A 80 1.78 18.67 0.08
CA PRO A 80 2.88 18.84 1.04
C PRO A 80 3.62 17.53 1.28
N GLY A 81 4.93 17.65 1.45
CA GLY A 81 5.75 16.48 1.73
C GLY A 81 5.89 15.52 0.57
N GLN A 82 5.70 15.99 -0.66
CA GLN A 82 5.79 15.14 -1.85
C GLN A 82 7.13 15.35 -2.56
N THR A 83 7.56 14.32 -3.28
CA THR A 83 8.82 14.33 -3.99
C THR A 83 8.60 13.87 -5.43
N GLY A 84 9.42 14.40 -6.33
CA GLY A 84 9.30 14.08 -7.74
C GLY A 84 9.90 15.19 -8.57
N LYS A 85 9.88 14.98 -9.88
CA LYS A 85 10.43 15.99 -10.79
C LYS A 85 9.64 17.30 -10.69
N ILE A 86 8.31 17.21 -10.63
CA ILE A 86 7.50 18.43 -10.53
C ILE A 86 7.65 19.08 -9.16
N ALA A 87 7.60 18.28 -8.09
CA ALA A 87 7.63 18.83 -6.74
C ALA A 87 9.01 19.35 -6.35
N ASP A 88 10.08 18.84 -6.96
CA ASP A 88 11.42 19.28 -6.59
C ASP A 88 11.94 20.42 -7.47
N TYR A 89 11.60 20.43 -8.76
CA TYR A 89 12.22 21.35 -9.70
C TYR A 89 11.26 22.33 -10.34
N ASN A 90 9.94 22.17 -10.17
CA ASN A 90 8.97 23.06 -10.82
C ASN A 90 8.08 23.78 -9.84
N TYR A 91 7.45 23.07 -8.90
CA TYR A 91 6.49 23.68 -7.99
C TYR A 91 6.44 22.87 -6.70
N LYS A 92 6.78 23.51 -5.59
CA LYS A 92 6.88 22.84 -4.30
C LYS A 92 5.94 23.49 -3.30
N LEU A 93 5.23 22.66 -2.54
CA LEU A 93 4.35 23.11 -1.47
C LEU A 93 5.00 22.87 -0.12
N PRO A 94 4.83 23.80 0.82
CA PRO A 94 5.41 23.62 2.16
C PRO A 94 4.70 22.51 2.92
N ASP A 95 5.42 21.96 3.91
CA ASP A 95 4.84 20.92 4.75
C ASP A 95 3.67 21.44 5.57
N ASP A 96 3.72 22.71 5.96
CA ASP A 96 2.63 23.36 6.68
C ASP A 96 1.65 24.05 5.75
N PHE A 97 1.47 23.52 4.54
CA PHE A 97 0.59 24.13 3.56
C PHE A 97 -0.85 24.17 4.07
N THR A 98 -1.48 25.34 3.92
CA THR A 98 -2.86 25.55 4.32
C THR A 98 -3.62 26.07 3.11
N GLY A 99 -4.32 25.18 2.42
CA GLY A 99 -5.05 25.58 1.23
C GLY A 99 -5.57 24.35 0.49
N CYS A 100 -5.97 24.58 -0.75
CA CYS A 100 -6.55 23.55 -1.59
C CYS A 100 -5.80 23.47 -2.92
N VAL A 101 -5.70 22.26 -3.44
CA VAL A 101 -5.16 22.02 -4.78
C VAL A 101 -6.29 21.49 -5.65
N ILE A 102 -6.49 22.13 -6.79
CA ILE A 102 -7.60 21.82 -7.70
C ILE A 102 -7.02 21.51 -9.07
N ALA A 103 -7.44 20.38 -9.65
CA ALA A 103 -7.02 19.99 -10.98
C ALA A 103 -8.20 19.41 -11.73
N TRP A 104 -8.15 19.53 -13.06
CA TRP A 104 -9.16 18.94 -13.93
C TRP A 104 -8.49 18.58 -15.25
N ASN A 105 -9.03 17.55 -15.91
CA ASN A 105 -8.48 17.12 -17.18
C ASN A 105 -8.71 18.18 -18.24
N SER A 106 -7.65 18.48 -19.00
CA SER A 106 -7.72 19.46 -20.08
C SER A 106 -7.17 18.87 -21.37
N ASN A 107 -7.50 17.60 -21.63
CA ASN A 107 -7.07 16.96 -22.87
C ASN A 107 -7.75 17.55 -24.09
N ASN A 108 -8.85 18.29 -23.89
CA ASN A 108 -9.54 18.92 -25.01
C ASN A 108 -9.03 20.31 -25.33
N LEU A 109 -8.40 21.00 -24.37
CA LEU A 109 -7.93 22.35 -24.59
C LEU A 109 -6.42 22.44 -24.77
N ASP A 110 -5.65 21.50 -24.23
CA ASP A 110 -4.20 21.56 -24.24
C ASP A 110 -3.55 20.47 -25.07
N SER A 111 -4.32 19.60 -25.72
CA SER A 111 -3.79 18.56 -26.56
C SER A 111 -4.13 18.86 -28.02
N LYS A 112 -3.12 18.86 -28.88
CA LYS A 112 -3.28 19.06 -30.31
C LYS A 112 -2.95 17.77 -31.04
N VAL A 113 -3.29 17.73 -32.34
CA VAL A 113 -3.07 16.53 -33.12
C VAL A 113 -1.59 16.16 -33.12
N GLY A 114 -0.72 17.15 -33.36
CA GLY A 114 0.67 17.01 -33.02
C GLY A 114 0.91 17.41 -31.58
N GLY A 115 2.06 16.99 -31.05
CA GLY A 115 2.40 17.32 -29.68
C GLY A 115 2.37 18.82 -29.45
N ASN A 116 1.71 19.27 -28.39
CA ASN A 116 1.58 20.70 -28.14
C ASN A 116 2.96 21.34 -27.98
N TYR A 117 3.83 20.71 -27.20
CA TYR A 117 5.24 21.09 -27.07
C TYR A 117 5.41 22.55 -26.64
N ASN A 118 4.35 23.17 -26.11
CA ASN A 118 4.43 24.53 -25.59
C ASN A 118 4.47 24.57 -24.07
N TYR A 119 3.88 23.58 -23.40
CA TYR A 119 4.01 23.44 -21.96
C TYR A 119 5.33 22.78 -21.63
N LEU A 120 6.07 23.37 -20.70
CA LEU A 120 7.42 22.92 -20.38
C LEU A 120 7.54 22.64 -18.89
N TYR A 121 8.56 21.85 -18.55
CA TYR A 121 8.92 21.60 -17.16
C TYR A 121 10.43 21.52 -17.05
N ARG A 122 10.95 21.80 -15.86
CA ARG A 122 12.38 21.76 -15.63
C ARG A 122 12.82 20.32 -15.37
N LEU A 123 13.81 19.86 -16.12
CA LEU A 123 14.28 18.49 -16.02
C LEU A 123 15.54 18.34 -15.19
N PHE A 124 16.43 19.33 -15.21
CA PHE A 124 17.70 19.27 -14.49
C PHE A 124 17.80 20.44 -13.53
N ARG A 125 18.19 20.16 -12.29
CA ARG A 125 18.45 21.19 -11.30
C ARG A 125 19.32 20.58 -10.20
N LYS A 126 20.31 21.36 -9.75
CA LYS A 126 21.28 20.84 -8.79
C LYS A 126 20.71 20.71 -7.38
N SER A 127 19.67 21.47 -7.04
CA SER A 127 19.05 21.41 -5.72
C SER A 127 17.54 21.54 -5.87
N ASN A 128 16.82 21.01 -4.88
CA ASN A 128 15.37 21.08 -4.89
C ASN A 128 14.89 22.51 -4.65
N LEU A 129 13.67 22.77 -5.08
CA LEU A 129 13.06 24.08 -4.91
C LEU A 129 12.53 24.26 -3.50
N LYS A 130 12.74 25.45 -2.94
CA LYS A 130 12.06 25.83 -1.72
C LYS A 130 10.58 26.05 -2.01
N PRO A 131 9.71 25.95 -1.00
CA PRO A 131 8.27 26.10 -1.25
C PRO A 131 7.95 27.45 -1.87
N PHE A 132 7.04 27.42 -2.85
CA PHE A 132 6.57 28.62 -3.54
C PHE A 132 7.70 29.38 -4.21
N GLU A 133 8.70 28.66 -4.72
CA GLU A 133 9.80 29.27 -5.46
C GLU A 133 9.57 29.08 -6.95
N ARG A 134 9.93 30.09 -7.73
CA ARG A 134 9.71 30.12 -9.18
C ARG A 134 11.05 30.31 -9.87
N ASP A 135 11.51 29.27 -10.56
CA ASP A 135 12.76 29.30 -11.31
C ASP A 135 12.44 29.21 -12.78
N ILE A 136 12.77 30.25 -13.54
CA ILE A 136 12.50 30.29 -14.97
C ILE A 136 13.80 30.47 -15.73
N SER A 137 14.91 30.07 -15.13
CA SER A 137 16.20 30.17 -15.79
C SER A 137 16.28 29.21 -16.97
N THR A 138 16.87 29.68 -18.06
CA THR A 138 17.12 28.86 -19.24
C THR A 138 18.61 28.55 -19.43
N GLU A 139 19.42 28.78 -18.39
CA GLU A 139 20.86 28.55 -18.50
C GLU A 139 21.14 27.07 -18.75
N ILE A 140 22.14 26.81 -19.60
CA ILE A 140 22.49 25.43 -19.93
C ILE A 140 22.99 24.71 -18.68
N TYR A 141 22.39 23.57 -18.39
CA TYR A 141 22.75 22.81 -17.21
C TYR A 141 24.13 22.17 -17.40
N GLN A 142 25.02 22.36 -16.44
CA GLN A 142 26.39 21.86 -16.52
C GLN A 142 26.48 20.54 -15.77
N ALA A 143 26.38 19.43 -16.52
CA ALA A 143 26.43 18.10 -15.92
C ALA A 143 27.84 17.63 -15.63
N GLY A 144 28.86 18.37 -16.07
CA GLY A 144 30.24 18.00 -15.79
C GLY A 144 31.00 19.14 -15.15
N SER A 145 32.32 19.05 -15.14
CA SER A 145 33.15 20.13 -14.63
C SER A 145 33.52 21.14 -15.72
N THR A 146 33.43 20.76 -16.98
CA THR A 146 33.75 21.65 -18.08
C THR A 146 32.62 22.65 -18.29
N PRO A 147 32.91 23.94 -18.36
CA PRO A 147 31.84 24.93 -18.59
C PRO A 147 31.15 24.71 -19.92
N CYS A 148 29.87 25.06 -19.95
CA CYS A 148 29.06 24.86 -21.15
C CYS A 148 29.12 26.04 -22.13
N ASN A 149 29.27 27.25 -21.61
CA ASN A 149 29.32 28.46 -22.44
C ASN A 149 28.05 28.62 -23.28
N GLY A 150 26.91 28.19 -22.74
CA GLY A 150 25.64 28.43 -23.39
C GLY A 150 25.33 27.58 -24.62
N VAL A 151 26.10 26.53 -24.87
CA VAL A 151 25.87 25.66 -26.01
C VAL A 151 25.59 24.25 -25.51
N GLU A 152 24.53 23.63 -26.04
CA GLU A 152 24.19 22.28 -25.65
C GLU A 152 25.21 21.29 -26.21
N GLY A 153 25.39 20.18 -25.50
CA GLY A 153 26.33 19.16 -25.94
C GLY A 153 26.62 18.16 -24.84
N PHE A 154 27.81 17.58 -24.90
CA PHE A 154 28.22 16.59 -23.90
C PHE A 154 28.29 17.25 -22.52
N ASN A 155 27.65 16.62 -21.54
CA ASN A 155 27.54 17.12 -20.17
C ASN A 155 26.92 18.50 -20.11
N CYS A 156 26.14 18.88 -21.12
CA CYS A 156 25.52 20.21 -21.18
C CYS A 156 24.13 20.07 -21.79
N TYR A 157 23.12 20.03 -20.92
CA TYR A 157 21.75 19.78 -21.32
C TYR A 157 20.91 21.04 -21.14
N PHE A 158 19.91 21.19 -22.00
CA PHE A 158 18.93 22.26 -21.80
C PHE A 158 18.05 21.90 -20.60
N PRO A 159 17.91 22.81 -19.63
CA PRO A 159 17.23 22.43 -18.37
C PRO A 159 15.74 22.19 -18.53
N LEU A 160 15.15 22.51 -19.67
CA LEU A 160 13.71 22.39 -19.86
C LEU A 160 13.39 21.28 -20.85
N GLN A 161 12.24 20.65 -20.63
CA GLN A 161 11.72 19.60 -21.50
C GLN A 161 10.28 19.92 -21.84
N SER A 162 9.83 19.46 -23.01
CA SER A 162 8.50 19.78 -23.51
C SER A 162 7.57 18.60 -23.29
N TYR A 163 6.39 18.88 -22.73
CA TYR A 163 5.36 17.86 -22.58
C TYR A 163 4.81 17.47 -23.95
N GLY A 164 4.77 16.17 -24.22
CA GLY A 164 4.22 15.69 -25.47
C GLY A 164 2.74 15.39 -25.39
N PHE A 165 1.93 16.42 -25.25
CA PHE A 165 0.49 16.26 -25.06
C PHE A 165 -0.16 15.88 -26.39
N GLN A 166 -0.71 14.66 -26.46
CA GLN A 166 -1.39 14.16 -27.63
C GLN A 166 -2.71 13.53 -27.22
N PRO A 167 -3.77 13.69 -28.02
CA PRO A 167 -5.08 13.16 -27.63
C PRO A 167 -5.14 11.64 -27.54
N THR A 168 -4.23 10.92 -28.21
CA THR A 168 -4.26 9.47 -28.24
C THR A 168 -3.57 8.84 -27.03
N ASN A 169 -2.97 9.63 -26.15
CA ASN A 169 -2.26 9.11 -25.00
C ASN A 169 -3.25 8.66 -23.91
N GLY A 170 -2.71 7.95 -22.92
CA GLY A 170 -3.51 7.53 -21.80
C GLY A 170 -3.88 8.69 -20.89
N VAL A 171 -4.75 8.38 -19.92
CA VAL A 171 -5.26 9.41 -19.01
C VAL A 171 -4.12 10.03 -18.21
N GLY A 172 -3.14 9.22 -17.82
CA GLY A 172 -2.01 9.74 -17.08
C GLY A 172 -1.21 10.78 -17.86
N TYR A 173 -1.00 10.52 -19.15
CA TYR A 173 -0.23 11.42 -20.00
C TYR A 173 -1.01 12.67 -20.40
N GLN A 174 -2.32 12.68 -20.19
CA GLN A 174 -3.13 13.82 -20.61
C GLN A 174 -2.81 15.05 -19.76
N PRO A 175 -2.83 16.24 -20.33
CA PRO A 175 -2.60 17.45 -19.54
C PRO A 175 -3.71 17.69 -18.54
N TYR A 176 -3.33 18.22 -17.38
CA TYR A 176 -4.28 18.61 -16.34
C TYR A 176 -3.97 20.03 -15.91
N ARG A 177 -4.97 20.90 -15.96
CA ARG A 177 -4.81 22.26 -15.50
C ARG A 177 -5.01 22.31 -13.98
N VAL A 178 -4.03 22.89 -13.29
CA VAL A 178 -3.98 22.88 -11.83
C VAL A 178 -4.04 24.32 -11.33
N VAL A 179 -4.95 24.59 -10.41
CA VAL A 179 -5.03 25.87 -9.72
C VAL A 179 -4.89 25.60 -8.23
N VAL A 180 -3.87 26.20 -7.62
CA VAL A 180 -3.57 26.01 -6.19
C VAL A 180 -4.05 27.23 -5.43
N LEU A 181 -4.87 27.00 -4.41
CA LEU A 181 -5.42 28.06 -3.57
C LEU A 181 -4.60 28.13 -2.29
N SER A 182 -3.87 29.23 -2.12
CA SER A 182 -3.06 29.46 -0.93
C SER A 182 -3.67 30.60 -0.13
N PHE A 183 -3.93 30.36 1.15
CA PHE A 183 -4.54 31.34 2.03
C PHE A 183 -3.49 31.86 3.00
N GLU A 184 -3.28 33.17 2.98
CA GLU A 184 -2.29 33.83 3.83
C GLU A 184 -3.01 34.69 4.85
N LEU A 185 -2.71 34.46 6.14
CA LEU A 185 -3.30 35.22 7.23
C LEU A 185 -2.16 35.72 8.11
N LEU A 186 -1.66 36.91 7.79
CA LEU A 186 -0.62 37.56 8.57
C LEU A 186 -1.25 38.61 9.48
N HIS A 187 -0.42 39.15 10.39
CA HIS A 187 -0.89 40.15 11.35
C HIS A 187 -1.01 41.49 10.63
N ALA A 188 -2.08 41.61 9.86
CA ALA A 188 -2.34 42.78 9.03
C ALA A 188 -3.85 42.87 8.82
N PRO A 189 -4.33 44.02 8.36
CA PRO A 189 -5.78 44.14 8.07
C PRO A 189 -6.24 43.07 7.09
N ALA A 190 -7.38 42.45 7.40
CA ALA A 190 -7.94 41.41 6.56
C ALA A 190 -8.73 42.03 5.42
N THR A 191 -8.36 41.67 4.18
CA THR A 191 -8.96 42.26 3.00
C THR A 191 -9.82 41.29 2.21
N VAL A 192 -9.62 39.99 2.36
CA VAL A 192 -10.39 38.98 1.63
C VAL A 192 -11.33 38.30 2.62
N CYS A 193 -12.63 38.41 2.36
CA CYS A 193 -13.64 37.80 3.22
C CYS A 193 -14.71 37.17 2.35
N GLY A 194 -15.58 36.39 2.99
CA GLY A 194 -16.73 35.84 2.32
C GLY A 194 -17.94 36.75 2.46
N PRO A 195 -19.09 36.31 1.94
CA PRO A 195 -20.34 37.08 2.05
C PRO A 195 -20.87 37.15 3.47
N GLN B 1 35.37 11.46 -22.30
CA GLN B 1 35.40 10.07 -21.84
C GLN B 1 34.59 9.89 -20.57
N VAL B 2 33.95 8.73 -20.44
CA VAL B 2 33.14 8.40 -19.27
C VAL B 2 33.53 7.00 -18.81
N GLN B 3 33.75 6.85 -17.50
CA GLN B 3 34.05 5.56 -16.91
C GLN B 3 33.10 5.28 -15.75
N LEU B 4 32.65 4.03 -15.66
CA LEU B 4 31.81 3.58 -14.55
C LEU B 4 32.36 2.22 -14.11
N VAL B 5 33.00 2.18 -12.95
CA VAL B 5 33.61 0.97 -12.42
C VAL B 5 32.93 0.62 -11.11
N GLU B 6 32.52 -0.63 -10.97
CA GLU B 6 31.76 -1.10 -9.82
C GLU B 6 32.61 -2.01 -8.93
N SER B 7 32.12 -2.20 -7.71
CA SER B 7 32.80 -3.03 -6.72
C SER B 7 31.79 -3.44 -5.67
N GLY B 8 32.17 -4.43 -4.86
CA GLY B 8 31.38 -4.86 -3.72
C GLY B 8 30.58 -6.14 -3.93
N GLY B 9 30.48 -6.64 -5.16
CA GLY B 9 29.72 -7.86 -5.38
C GLY B 9 30.43 -9.08 -4.82
N GLY B 10 29.63 -10.09 -4.49
CA GLY B 10 30.17 -11.31 -3.93
C GLY B 10 29.07 -12.19 -3.37
N LEU B 11 29.48 -13.16 -2.56
CA LEU B 11 28.56 -14.10 -1.94
C LEU B 11 28.13 -13.59 -0.57
N ILE B 12 26.83 -13.63 -0.31
CA ILE B 12 26.26 -13.16 0.95
C ILE B 12 25.11 -14.09 1.33
N GLN B 13 24.99 -14.38 2.62
CA GLN B 13 23.90 -15.24 3.09
C GLN B 13 22.58 -14.47 3.06
N PRO B 14 21.46 -15.18 2.90
CA PRO B 14 20.16 -14.50 2.95
C PRO B 14 19.96 -13.76 4.26
N GLY B 15 19.43 -12.55 4.15
CA GLY B 15 19.30 -11.66 5.29
C GLY B 15 20.52 -10.82 5.58
N GLY B 16 21.67 -11.14 4.99
CA GLY B 16 22.88 -10.38 5.22
C GLY B 16 22.98 -9.16 4.33
N SER B 17 23.67 -8.15 4.84
CA SER B 17 23.81 -6.88 4.14
C SER B 17 25.00 -6.89 3.20
N LEU B 18 24.94 -6.00 2.20
CA LEU B 18 26.02 -5.82 1.24
C LEU B 18 25.90 -4.45 0.63
N ARG B 19 27.05 -3.84 0.32
CA ARG B 19 27.10 -2.49 -0.21
C ARG B 19 27.87 -2.48 -1.52
N LEU B 20 27.24 -1.99 -2.58
CA LEU B 20 27.84 -1.91 -3.90
C LEU B 20 28.28 -0.48 -4.19
N SER B 21 29.51 -0.32 -4.64
CA SER B 21 30.08 0.98 -4.96
C SER B 21 30.20 1.13 -6.47
N CYS B 22 30.16 2.38 -6.93
CA CYS B 22 30.27 2.68 -8.36
C CYS B 22 30.93 4.04 -8.52
N ALA B 23 32.24 4.03 -8.73
CA ALA B 23 32.98 5.27 -9.00
C ALA B 23 32.70 5.74 -10.41
N ALA B 24 32.60 7.05 -10.59
CA ALA B 24 32.24 7.64 -11.87
C ALA B 24 33.28 8.66 -12.29
N SER B 25 33.57 8.68 -13.59
CA SER B 25 34.46 9.66 -14.20
C SER B 25 33.82 10.17 -15.48
N GLY B 26 34.11 11.42 -15.81
CA GLY B 26 33.55 12.07 -16.99
C GLY B 26 32.42 13.03 -16.71
N PHE B 27 31.86 13.00 -15.51
CA PHE B 27 30.75 13.88 -15.15
C PHE B 27 30.69 13.98 -13.64
N THR B 28 29.94 14.98 -13.16
CA THR B 28 29.75 15.18 -11.74
C THR B 28 28.53 14.38 -11.29
N VAL B 29 28.74 13.49 -10.30
CA VAL B 29 27.66 12.62 -9.86
C VAL B 29 26.55 13.42 -9.18
N SER B 30 26.90 14.49 -8.47
CA SER B 30 25.89 15.28 -7.75
C SER B 30 24.92 15.95 -8.69
N SER B 31 25.30 16.20 -9.95
CA SER B 31 24.50 16.95 -10.88
C SER B 31 23.75 16.07 -11.88
N ASN B 32 23.79 14.75 -11.70
CA ASN B 32 23.17 13.84 -12.67
C ASN B 32 22.27 12.84 -11.98
N TYR B 33 21.24 12.42 -12.70
CA TYR B 33 20.45 11.26 -12.30
C TYR B 33 21.31 10.00 -12.43
N MET B 34 21.25 9.14 -11.42
CA MET B 34 21.96 7.87 -11.47
C MET B 34 21.03 6.76 -10.99
N SER B 35 21.17 5.59 -11.59
CA SER B 35 20.26 4.49 -11.32
C SER B 35 21.04 3.18 -11.18
N TRP B 36 20.44 2.25 -10.46
CA TRP B 36 20.94 0.89 -10.35
C TRP B 36 19.98 -0.04 -11.08
N VAL B 37 20.52 -0.84 -12.01
CA VAL B 37 19.75 -1.80 -12.78
C VAL B 37 20.38 -3.17 -12.60
N ARG B 38 19.57 -4.14 -12.19
CA ARG B 38 20.06 -5.50 -11.97
C ARG B 38 19.48 -6.43 -13.03
N GLN B 39 20.27 -7.43 -13.41
CA GLN B 39 19.88 -8.43 -14.40
C GLN B 39 20.08 -9.80 -13.78
N ALA B 40 18.99 -10.54 -13.59
CA ALA B 40 19.08 -11.88 -13.04
C ALA B 40 19.80 -12.80 -14.02
N PRO B 41 20.55 -13.78 -13.52
CA PRO B 41 21.24 -14.73 -14.41
C PRO B 41 20.24 -15.48 -15.28
N GLY B 42 20.33 -15.25 -16.58
CA GLY B 42 19.41 -15.85 -17.52
C GLY B 42 18.07 -15.14 -17.67
N LYS B 43 17.93 -13.93 -17.11
CA LYS B 43 16.68 -13.19 -17.24
C LYS B 43 16.95 -11.79 -17.76
N GLY B 44 15.91 -10.94 -17.77
CA GLY B 44 16.01 -9.62 -18.36
C GLY B 44 16.48 -8.56 -17.38
N LEU B 45 16.40 -7.31 -17.83
CA LEU B 45 16.85 -6.16 -17.04
C LEU B 45 15.71 -5.65 -16.18
N GLU B 46 16.04 -5.24 -14.95
CA GLU B 46 15.06 -4.70 -14.01
C GLU B 46 15.64 -3.46 -13.34
N TRP B 47 14.89 -2.37 -13.39
CA TRP B 47 15.30 -1.14 -12.72
C TRP B 47 15.07 -1.27 -11.22
N VAL B 48 16.05 -0.86 -10.43
CA VAL B 48 16.02 -1.02 -8.97
C VAL B 48 15.76 0.30 -8.26
N SER B 49 16.64 1.29 -8.47
CA SER B 49 16.53 2.55 -7.77
C SER B 49 17.09 3.67 -8.64
N VAL B 50 16.78 4.90 -8.25
CA VAL B 50 17.28 6.09 -8.93
C VAL B 50 17.45 7.19 -7.89
N ILE B 51 18.49 8.01 -8.07
CA ILE B 51 18.72 9.18 -7.24
C ILE B 51 18.72 10.40 -8.16
N TYR B 52 17.90 11.40 -7.82
CA TYR B 52 17.81 12.59 -8.64
C TYR B 52 19.00 13.51 -8.40
N SER B 53 19.21 14.43 -9.35
CA SER B 53 20.29 15.40 -9.21
C SER B 53 20.10 16.26 -7.96
N GLY B 54 18.85 16.51 -7.57
CA GLY B 54 18.56 17.24 -6.36
C GLY B 54 18.62 16.45 -5.08
N GLY B 55 18.92 15.15 -5.17
CA GLY B 55 19.08 14.30 -4.00
C GLY B 55 17.92 13.37 -3.74
N SER B 56 16.78 13.54 -4.41
CA SER B 56 15.62 12.70 -4.15
C SER B 56 15.89 11.25 -4.55
N THR B 57 15.33 10.32 -3.80
CA THR B 57 15.54 8.89 -4.00
C THR B 57 14.22 8.19 -4.24
N PHE B 58 14.21 7.28 -5.22
CA PHE B 58 13.06 6.44 -5.51
C PHE B 58 13.52 5.01 -5.70
N TYR B 59 12.67 4.08 -5.31
CA TYR B 59 13.01 2.65 -5.32
C TYR B 59 11.85 1.85 -5.90
N ALA B 60 12.18 0.66 -6.41
CA ALA B 60 11.18 -0.27 -6.90
C ALA B 60 10.47 -0.93 -5.72
N ASP B 61 9.27 -1.43 -5.99
CA ASP B 61 8.46 -2.05 -4.94
C ASP B 61 9.15 -3.27 -4.36
N SER B 62 9.84 -4.04 -5.20
CA SER B 62 10.49 -5.26 -4.72
C SER B 62 11.71 -4.99 -3.85
N VAL B 63 12.23 -3.75 -3.86
CA VAL B 63 13.44 -3.41 -3.11
C VAL B 63 13.20 -2.29 -2.10
N LYS B 64 11.97 -1.78 -1.98
CA LYS B 64 11.69 -0.76 -1.00
C LYS B 64 11.89 -1.29 0.41
N GLY B 65 12.28 -0.40 1.32
CA GLY B 65 12.51 -0.75 2.71
C GLY B 65 13.72 -1.63 2.96
N ARG B 66 14.39 -2.11 1.92
CA ARG B 66 15.59 -2.93 2.05
C ARG B 66 16.80 -2.32 1.37
N PHE B 67 16.61 -1.73 0.19
CA PHE B 67 17.71 -1.13 -0.56
C PHE B 67 17.72 0.37 -0.34
N THR B 68 18.93 0.95 -0.38
CA THR B 68 19.11 2.38 -0.19
C THR B 68 20.17 2.88 -1.15
N ILE B 69 19.84 3.93 -1.91
CA ILE B 69 20.75 4.51 -2.87
C ILE B 69 21.31 5.81 -2.30
N SER B 70 22.62 5.99 -2.44
CA SER B 70 23.29 7.17 -1.91
C SER B 70 24.50 7.49 -2.78
N ARG B 71 24.99 8.72 -2.63
CA ARG B 71 26.13 9.20 -3.38
C ARG B 71 27.12 9.87 -2.45
N ASP B 72 28.39 9.79 -2.79
CA ASP B 72 29.47 10.49 -2.08
C ASP B 72 30.22 11.32 -3.11
N ASN B 73 29.88 12.61 -3.17
CA ASN B 73 30.49 13.49 -4.16
C ASN B 73 31.99 13.65 -3.93
N SER B 74 32.42 13.65 -2.66
CA SER B 74 33.84 13.75 -2.36
C SER B 74 34.63 12.57 -2.89
N LYS B 75 33.98 11.44 -3.16
CA LYS B 75 34.63 10.28 -3.73
C LYS B 75 34.12 9.95 -5.13
N SER B 76 33.15 10.71 -5.64
CA SER B 76 32.58 10.51 -6.97
C SER B 76 32.11 9.07 -7.15
N THR B 77 31.41 8.56 -6.14
CA THR B 77 31.00 7.17 -6.09
C THR B 77 29.52 7.08 -5.73
N LEU B 78 28.82 6.19 -6.42
CA LEU B 78 27.41 5.91 -6.17
C LEU B 78 27.29 4.59 -5.43
N TYR B 79 26.60 4.60 -4.29
CA TYR B 79 26.50 3.44 -3.43
C TYR B 79 25.10 2.84 -3.47
N LEU B 80 25.00 1.57 -3.09
CA LEU B 80 23.72 0.85 -3.01
C LEU B 80 23.78 -0.12 -1.84
N GLN B 81 23.25 0.30 -0.70
CA GLN B 81 23.09 -0.61 0.44
C GLN B 81 21.89 -1.52 0.19
N MET B 82 21.99 -2.76 0.65
CA MET B 82 20.96 -3.75 0.38
C MET B 82 20.36 -4.40 1.61
N ASN B 83 21.07 -4.44 2.75
CA ASN B 83 20.51 -4.86 4.02
C ASN B 83 19.88 -6.25 3.98
N SER B 84 18.56 -6.32 4.12
CA SER B 84 17.84 -7.59 4.20
C SER B 84 17.76 -8.20 2.81
N LEU B 85 18.81 -8.94 2.44
CA LEU B 85 18.87 -9.54 1.11
C LEU B 85 18.10 -10.86 1.06
N ARG B 86 17.75 -11.25 -0.15
CA ARG B 86 16.99 -12.47 -0.40
C ARG B 86 17.62 -13.23 -1.56
N VAL B 87 17.32 -14.53 -1.63
CA VAL B 87 17.86 -15.36 -2.70
C VAL B 87 17.41 -14.86 -4.07
N GLU B 88 16.18 -14.34 -4.14
CA GLU B 88 15.68 -13.81 -5.40
C GLU B 88 16.47 -12.59 -5.87
N ASP B 89 17.09 -11.86 -4.94
CA ASP B 89 17.86 -10.67 -5.30
C ASP B 89 19.15 -11.00 -6.04
N THR B 90 19.53 -12.27 -6.11
CA THR B 90 20.76 -12.67 -6.79
C THR B 90 20.72 -12.27 -8.26
N ALA B 91 21.53 -11.29 -8.64
CA ALA B 91 21.54 -10.77 -9.99
C ALA B 91 22.83 -9.99 -10.21
N VAL B 92 23.10 -9.68 -11.48
CA VAL B 92 24.22 -8.82 -11.84
C VAL B 92 23.72 -7.39 -11.81
N TYR B 93 24.20 -6.61 -10.84
CA TYR B 93 23.76 -5.24 -10.65
C TYR B 93 24.62 -4.31 -11.49
N TYR B 94 23.97 -3.50 -12.33
CA TYR B 94 24.64 -2.58 -13.23
C TYR B 94 24.53 -1.15 -12.70
N CYS B 95 25.58 -0.37 -12.90
CA CYS B 95 25.59 1.05 -12.56
C CYS B 95 25.37 1.85 -13.84
N ALA B 96 24.30 2.64 -13.87
CA ALA B 96 23.90 3.34 -15.08
C ALA B 96 23.74 4.83 -14.80
N ARG B 97 24.17 5.65 -15.76
CA ARG B 97 23.98 7.09 -15.70
C ARG B 97 22.64 7.43 -16.33
N ASP B 98 21.71 7.89 -15.50
CA ASP B 98 20.35 8.18 -15.95
C ASP B 98 20.25 9.58 -16.51
N PHE B 99 19.48 9.73 -17.58
CA PHE B 99 19.25 11.02 -18.22
C PHE B 99 17.82 11.46 -17.90
N GLY B 100 17.66 12.18 -16.79
CA GLY B 100 16.36 12.71 -16.43
C GLY B 100 15.31 11.66 -16.13
N ASP B 101 15.69 10.59 -15.43
CA ASP B 101 14.78 9.50 -15.05
C ASP B 101 14.14 8.84 -16.26
N PHE B 102 14.80 8.91 -17.42
CA PHE B 102 14.23 8.40 -18.67
C PHE B 102 15.01 7.24 -19.24
N TYR B 103 16.30 7.42 -19.52
CA TYR B 103 17.09 6.36 -20.15
C TYR B 103 18.53 6.46 -19.67
N PHE B 104 19.26 5.37 -19.87
CA PHE B 104 20.61 5.21 -19.33
C PHE B 104 21.61 5.29 -20.48
N ASP B 105 22.29 6.44 -20.59
CA ASP B 105 23.22 6.65 -21.69
C ASP B 105 24.61 6.08 -21.43
N TYR B 106 24.91 5.71 -20.19
CA TYR B 106 26.21 5.12 -19.85
C TYR B 106 26.02 4.06 -18.79
N TRP B 107 26.75 2.96 -18.92
CA TRP B 107 26.61 1.80 -18.04
C TRP B 107 27.97 1.38 -17.50
N GLY B 108 27.95 0.82 -16.28
CA GLY B 108 29.14 0.23 -15.71
C GLY B 108 29.29 -1.24 -16.08
N GLN B 109 30.47 -1.78 -15.79
CA GLN B 109 30.75 -3.17 -16.17
C GLN B 109 29.87 -4.17 -15.42
N GLY B 110 29.30 -3.77 -14.30
CA GLY B 110 28.42 -4.66 -13.55
C GLY B 110 29.17 -5.54 -12.59
N THR B 111 28.51 -5.84 -11.47
CA THR B 111 29.06 -6.71 -10.44
C THR B 111 28.01 -7.73 -10.04
N LEU B 112 28.47 -8.91 -9.64
CA LEU B 112 27.60 -10.05 -9.38
C LEU B 112 27.36 -10.19 -7.88
N VAL B 113 26.09 -10.18 -7.48
CA VAL B 113 25.69 -10.40 -6.10
C VAL B 113 25.00 -11.75 -6.02
N THR B 114 25.60 -12.67 -5.27
CA THR B 114 25.07 -14.02 -5.11
C THR B 114 24.56 -14.17 -3.68
N VAL B 115 23.27 -14.44 -3.53
CA VAL B 115 22.64 -14.61 -2.23
C VAL B 115 22.29 -16.09 -2.07
N SER B 116 22.96 -16.76 -1.15
CA SER B 116 22.72 -18.16 -0.87
C SER B 116 23.28 -18.50 0.50
N SER B 117 22.69 -19.51 1.13
CA SER B 117 23.23 -20.06 2.37
C SER B 117 24.30 -21.10 2.13
N ALA B 118 24.91 -21.09 0.94
CA ALA B 118 25.98 -22.01 0.60
C ALA B 118 27.33 -21.49 1.11
N SER B 119 28.35 -22.34 1.00
CA SER B 119 29.67 -22.05 1.52
C SER B 119 30.66 -21.92 0.37
N THR B 120 31.52 -20.91 0.45
CA THR B 120 32.53 -20.71 -0.58
C THR B 120 33.49 -21.90 -0.61
N LYS B 121 33.65 -22.48 -1.80
CA LYS B 121 34.51 -23.64 -1.98
C LYS B 121 35.43 -23.42 -3.17
N GLY B 122 36.70 -23.82 -3.00
CA GLY B 122 37.68 -23.70 -4.05
C GLY B 122 37.53 -24.76 -5.11
N PRO B 123 37.95 -24.45 -6.33
CA PRO B 123 37.85 -25.41 -7.43
C PRO B 123 39.04 -26.36 -7.47
N SER B 124 38.79 -27.53 -8.06
CA SER B 124 39.83 -28.51 -8.33
C SER B 124 40.01 -28.63 -9.83
N VAL B 125 41.24 -28.46 -10.31
CA VAL B 125 41.55 -28.46 -11.73
C VAL B 125 42.11 -29.82 -12.11
N PHE B 126 41.58 -30.40 -13.19
CA PHE B 126 42.03 -31.69 -13.67
C PHE B 126 42.37 -31.59 -15.15
N PRO B 127 43.40 -32.30 -15.60
CA PRO B 127 43.83 -32.19 -17.00
C PRO B 127 42.98 -33.03 -17.93
N LEU B 128 42.82 -32.53 -19.15
CA LEU B 128 42.19 -33.26 -20.24
C LEU B 128 43.29 -33.58 -21.25
N ALA B 129 43.86 -34.78 -21.14
CA ALA B 129 45.01 -35.13 -21.94
C ALA B 129 44.62 -35.26 -23.42
N PRO B 130 45.50 -34.88 -24.34
CA PRO B 130 45.19 -35.05 -25.77
C PRO B 130 45.19 -36.52 -26.15
N SER B 131 44.33 -36.85 -27.13
CA SER B 131 44.21 -38.22 -27.59
C SER B 131 45.35 -38.58 -28.54
N SER B 132 45.49 -39.86 -28.80
CA SER B 132 46.51 -40.37 -29.71
C SER B 132 45.95 -40.51 -31.12
N GLY B 138 47.69 -33.72 -37.89
CA GLY B 138 46.61 -32.76 -38.02
C GLY B 138 46.49 -31.83 -36.84
N THR B 139 45.29 -31.74 -36.27
CA THR B 139 45.02 -30.90 -35.12
C THR B 139 44.72 -31.75 -33.89
N ALA B 140 44.94 -31.16 -32.72
CA ALA B 140 44.75 -31.84 -31.45
C ALA B 140 43.95 -30.95 -30.50
N ALA B 141 43.31 -31.60 -29.52
CA ALA B 141 42.48 -30.91 -28.55
C ALA B 141 42.88 -31.32 -27.15
N LEU B 142 42.91 -30.34 -26.24
CA LEU B 142 43.23 -30.58 -24.84
C LEU B 142 42.60 -29.46 -24.02
N GLY B 143 42.57 -29.66 -22.71
CA GLY B 143 41.98 -28.64 -21.85
C GLY B 143 42.11 -29.00 -20.38
N CYS B 144 41.43 -28.20 -19.56
CA CYS B 144 41.39 -28.39 -18.12
C CYS B 144 39.95 -28.41 -17.65
N LEU B 145 39.73 -29.05 -16.50
CA LEU B 145 38.39 -29.20 -15.93
C LEU B 145 38.35 -28.48 -14.59
N VAL B 146 37.62 -27.37 -14.53
CA VAL B 146 37.38 -26.64 -13.28
C VAL B 146 36.07 -27.16 -12.69
N LYS B 147 36.17 -27.84 -11.55
CA LYS B 147 35.04 -28.56 -10.99
C LYS B 147 34.89 -28.26 -9.50
N ASP B 148 33.64 -28.27 -9.04
CA ASP B 148 33.30 -28.20 -7.62
C ASP B 148 33.81 -26.89 -6.99
N TYR B 149 33.29 -25.78 -7.47
CA TYR B 149 33.57 -24.48 -6.89
C TYR B 149 32.29 -23.70 -6.68
N PHE B 150 32.31 -22.80 -5.70
CA PHE B 150 31.19 -21.92 -5.42
C PHE B 150 31.71 -20.73 -4.64
N PRO B 151 31.31 -19.50 -4.98
CA PRO B 151 30.49 -19.13 -6.14
C PRO B 151 31.35 -18.73 -7.33
N GLU B 152 30.73 -18.62 -8.51
CA GLU B 152 31.38 -18.05 -9.67
C GLU B 152 31.52 -16.54 -9.45
N PRO B 153 32.36 -15.84 -10.24
CA PRO B 153 33.09 -16.24 -11.46
C PRO B 153 34.39 -16.99 -11.25
N VAL B 154 34.85 -17.64 -12.32
CA VAL B 154 36.18 -18.24 -12.39
C VAL B 154 36.79 -17.85 -13.72
N THR B 155 38.02 -17.36 -13.69
CA THR B 155 38.74 -16.96 -14.89
C THR B 155 39.78 -18.02 -15.23
N VAL B 156 39.83 -18.42 -16.50
CA VAL B 156 40.75 -19.45 -16.98
C VAL B 156 41.64 -18.85 -18.05
N SER B 157 42.95 -19.01 -17.90
CA SER B 157 43.93 -18.51 -18.84
C SER B 157 44.86 -19.64 -19.27
N TRP B 158 45.39 -19.53 -20.48
CA TRP B 158 46.29 -20.54 -21.03
C TRP B 158 47.65 -19.90 -21.29
N ASN B 159 48.69 -20.47 -20.68
CA ASN B 159 50.06 -19.96 -20.78
C ASN B 159 50.13 -18.49 -20.38
N SER B 160 49.44 -18.16 -19.29
CA SER B 160 49.44 -16.80 -18.72
C SER B 160 48.99 -15.76 -19.75
N GLY B 161 47.96 -16.10 -20.53
CA GLY B 161 47.40 -15.20 -21.51
C GLY B 161 48.06 -15.22 -22.87
N ALA B 162 49.12 -16.00 -23.05
CA ALA B 162 49.78 -16.06 -24.36
C ALA B 162 48.92 -16.82 -25.37
N LEU B 163 48.35 -17.94 -24.97
CA LEU B 163 47.54 -18.76 -25.86
C LEU B 163 46.12 -18.20 -25.89
N THR B 164 45.77 -17.52 -26.99
CA THR B 164 44.47 -16.88 -27.13
C THR B 164 43.64 -17.46 -28.25
N SER B 165 44.20 -17.58 -29.45
CA SER B 165 43.44 -18.08 -30.59
C SER B 165 43.12 -19.56 -30.40
N GLY B 166 41.88 -19.93 -30.75
CA GLY B 166 41.45 -21.31 -30.61
C GLY B 166 41.22 -21.76 -29.19
N VAL B 167 40.74 -20.87 -28.32
CA VAL B 167 40.46 -21.19 -26.92
C VAL B 167 38.96 -21.02 -26.69
N HIS B 168 38.32 -22.05 -26.16
CA HIS B 168 36.90 -22.01 -25.86
C HIS B 168 36.69 -22.37 -24.40
N THR B 169 36.15 -21.42 -23.63
CA THR B 169 35.81 -21.64 -22.22
C THR B 169 34.29 -21.65 -22.10
N PHE B 170 33.73 -22.80 -21.77
CA PHE B 170 32.29 -22.95 -21.74
C PHE B 170 31.70 -22.26 -20.51
N PRO B 171 30.46 -21.80 -20.59
CA PRO B 171 29.79 -21.26 -19.41
C PRO B 171 29.63 -22.32 -18.33
N ALA B 172 29.67 -21.86 -17.07
CA ALA B 172 29.56 -22.77 -15.95
C ALA B 172 28.17 -23.40 -15.90
N VAL B 173 28.11 -24.62 -15.36
CA VAL B 173 26.87 -25.37 -15.21
C VAL B 173 26.72 -25.76 -13.75
N LEU B 174 25.53 -25.56 -13.20
CA LEU B 174 25.26 -25.89 -11.80
C LEU B 174 24.95 -27.38 -11.69
N GLN B 175 25.74 -28.09 -10.91
CA GLN B 175 25.55 -29.53 -10.74
C GLN B 175 24.47 -29.80 -9.69
N SER B 176 24.08 -31.07 -9.60
CA SER B 176 23.07 -31.48 -8.63
C SER B 176 23.54 -31.30 -7.19
N SER B 177 24.85 -31.16 -6.97
CA SER B 177 25.38 -30.95 -5.64
C SER B 177 25.28 -29.50 -5.18
N GLY B 178 24.82 -28.61 -6.05
CA GLY B 178 24.82 -27.19 -5.73
C GLY B 178 26.12 -26.48 -6.00
N LEU B 179 27.07 -27.16 -6.64
CA LEU B 179 28.37 -26.58 -6.96
C LEU B 179 28.51 -26.43 -8.47
N TYR B 180 29.34 -25.48 -8.88
CA TYR B 180 29.54 -25.19 -10.29
C TYR B 180 30.69 -26.01 -10.86
N SER B 181 30.68 -26.15 -12.19
CA SER B 181 31.75 -26.83 -12.91
C SER B 181 31.91 -26.19 -14.27
N LEU B 182 33.15 -26.08 -14.72
CA LEU B 182 33.48 -25.41 -15.98
C LEU B 182 34.59 -26.18 -16.68
N SER B 183 34.57 -26.11 -18.01
CA SER B 183 35.60 -26.73 -18.84
C SER B 183 36.12 -25.73 -19.84
N SER B 184 37.44 -25.73 -20.05
CA SER B 184 38.08 -24.87 -21.04
C SER B 184 38.98 -25.73 -21.91
N VAL B 185 38.83 -25.62 -23.22
CA VAL B 185 39.57 -26.43 -24.18
C VAL B 185 40.23 -25.53 -25.20
N VAL B 186 41.32 -26.03 -25.80
CA VAL B 186 42.06 -25.30 -26.82
C VAL B 186 42.29 -26.21 -28.01
N THR B 187 42.51 -25.59 -29.16
CA THR B 187 42.78 -26.30 -30.41
C THR B 187 44.23 -26.01 -30.82
N VAL B 188 45.05 -27.06 -30.83
CA VAL B 188 46.46 -26.94 -31.18
C VAL B 188 46.80 -28.00 -32.21
N PRO B 189 47.83 -27.77 -33.02
CA PRO B 189 48.22 -28.78 -34.01
C PRO B 189 48.71 -30.07 -33.34
N SER B 190 48.60 -31.17 -34.10
CA SER B 190 49.06 -32.46 -33.60
C SER B 190 50.57 -32.46 -33.34
N SER B 191 51.32 -31.59 -34.00
CA SER B 191 52.72 -31.39 -33.70
C SER B 191 52.85 -30.37 -32.57
N SER B 192 54.10 -30.10 -32.16
CA SER B 192 54.38 -29.16 -31.07
C SER B 192 53.67 -29.57 -29.78
N LEU B 193 53.56 -30.88 -29.56
CA LEU B 193 52.93 -31.38 -28.35
C LEU B 193 53.91 -31.43 -27.18
N GLY B 194 55.05 -32.08 -27.38
CA GLY B 194 56.07 -32.13 -26.36
C GLY B 194 57.05 -30.98 -26.46
N THR B 195 57.07 -30.32 -27.63
CA THR B 195 57.97 -29.18 -27.81
C THR B 195 57.47 -27.96 -27.06
N GLN B 196 56.15 -27.82 -26.91
CA GLN B 196 55.55 -26.71 -26.20
C GLN B 196 54.80 -27.22 -24.98
N THR B 197 54.94 -26.51 -23.86
CA THR B 197 54.31 -26.89 -22.60
C THR B 197 53.06 -26.05 -22.41
N TYR B 198 51.92 -26.71 -22.24
CA TYR B 198 50.64 -26.04 -22.06
C TYR B 198 50.23 -26.11 -20.60
N ILE B 199 49.92 -24.94 -20.02
CA ILE B 199 49.50 -24.83 -18.63
C ILE B 199 48.29 -23.92 -18.58
N CYS B 200 47.25 -24.35 -17.85
CA CYS B 200 46.03 -23.58 -17.70
C CYS B 200 46.06 -22.84 -16.37
N ASN B 201 45.78 -21.54 -16.42
CA ASN B 201 45.78 -20.68 -15.23
C ASN B 201 44.34 -20.48 -14.79
N VAL B 202 43.96 -21.15 -13.70
CA VAL B 202 42.62 -21.06 -13.15
C VAL B 202 42.65 -20.17 -11.91
N ASN B 203 41.80 -19.15 -11.89
CA ASN B 203 41.74 -18.20 -10.78
C ASN B 203 40.30 -18.10 -10.29
N HIS B 204 40.11 -18.34 -8.99
CA HIS B 204 38.81 -18.23 -8.34
C HIS B 204 38.94 -17.23 -7.21
N LYS B 205 38.69 -15.96 -7.52
CA LYS B 205 38.86 -14.90 -6.52
C LYS B 205 37.99 -15.06 -5.28
N PRO B 206 36.71 -15.45 -5.37
CA PRO B 206 35.95 -15.66 -4.12
C PRO B 206 36.58 -16.67 -3.18
N SER B 207 37.30 -17.66 -3.69
CA SER B 207 38.02 -18.61 -2.85
C SER B 207 39.51 -18.30 -2.74
N ASN B 208 39.99 -17.27 -3.44
CA ASN B 208 41.41 -16.90 -3.43
C ASN B 208 42.28 -18.09 -3.82
N THR B 209 41.86 -18.79 -4.88
CA THR B 209 42.56 -19.97 -5.38
C THR B 209 43.14 -19.67 -6.75
N LYS B 210 44.45 -19.89 -6.90
CA LYS B 210 45.14 -19.75 -8.18
C LYS B 210 45.94 -21.02 -8.43
N VAL B 211 45.52 -21.82 -9.41
CA VAL B 211 46.14 -23.09 -9.73
C VAL B 211 46.60 -23.04 -11.19
N ASP B 212 47.89 -23.30 -11.40
CA ASP B 212 48.46 -23.45 -12.73
C ASP B 212 48.67 -24.96 -12.96
N LYS B 213 47.80 -25.56 -13.77
CA LYS B 213 47.80 -27.00 -13.99
C LYS B 213 48.41 -27.30 -15.35
N LYS B 214 49.49 -28.08 -15.36
CA LYS B 214 50.15 -28.48 -16.59
C LYS B 214 49.39 -29.65 -17.21
N VAL B 215 49.17 -29.59 -18.53
CA VAL B 215 48.46 -30.63 -19.26
C VAL B 215 49.44 -31.27 -20.24
N GLU B 216 49.50 -32.60 -20.21
CA GLU B 216 50.41 -33.36 -21.07
C GLU B 216 49.95 -34.81 -21.08
N PRO B 217 50.20 -35.56 -22.17
CA PRO B 217 49.80 -36.97 -22.23
C PRO B 217 50.58 -37.85 -21.26
N GLU C 1 2.38 -1.07 -13.26
CA GLU C 1 3.22 -1.99 -14.01
C GLU C 1 2.77 -2.09 -15.47
N ILE C 2 3.67 -1.74 -16.39
CA ILE C 2 3.41 -1.83 -17.82
C ILE C 2 4.44 -2.79 -18.42
N VAL C 3 3.96 -3.78 -19.17
CA VAL C 3 4.80 -4.85 -19.69
C VAL C 3 5.13 -4.57 -21.15
N LEU C 4 6.41 -4.65 -21.49
CA LEU C 4 6.88 -4.56 -22.87
C LEU C 4 7.14 -5.97 -23.37
N THR C 5 6.45 -6.35 -24.44
CA THR C 5 6.56 -7.70 -25.00
C THR C 5 7.26 -7.60 -26.34
N GLN C 6 8.55 -7.92 -26.35
CA GLN C 6 9.32 -7.91 -27.58
C GLN C 6 9.02 -9.14 -28.42
N SER C 7 9.34 -9.04 -29.72
CA SER C 7 9.15 -10.15 -30.64
C SER C 7 9.98 -9.90 -31.87
N PRO C 8 10.61 -10.93 -32.46
CA PRO C 8 10.65 -12.33 -32.02
C PRO C 8 11.55 -12.55 -30.80
N GLY C 9 11.52 -13.73 -30.20
CA GLY C 9 12.44 -14.02 -29.11
C GLY C 9 13.88 -14.07 -29.56
N THR C 10 14.12 -14.62 -30.75
CA THR C 10 15.46 -14.69 -31.32
C THR C 10 15.34 -14.61 -32.84
N LEU C 11 16.46 -14.30 -33.49
CA LEU C 11 16.52 -14.24 -34.94
C LEU C 11 17.88 -14.73 -35.41
N SER C 12 17.93 -15.13 -36.68
CA SER C 12 19.17 -15.59 -37.31
C SER C 12 19.19 -15.03 -38.73
N LEU C 13 20.07 -14.07 -38.98
CA LEU C 13 20.17 -13.42 -40.28
C LEU C 13 21.63 -13.36 -40.72
N SER C 14 21.83 -13.47 -42.02
CA SER C 14 23.17 -13.41 -42.58
C SER C 14 23.69 -11.97 -42.57
N PRO C 15 25.00 -11.78 -42.57
CA PRO C 15 25.56 -10.42 -42.65
C PRO C 15 25.11 -9.72 -43.93
N GLY C 16 24.83 -8.43 -43.81
CA GLY C 16 24.37 -7.64 -44.93
C GLY C 16 22.87 -7.56 -45.10
N GLU C 17 22.10 -8.27 -44.28
CA GLU C 17 20.64 -8.24 -44.37
C GLU C 17 20.10 -7.13 -43.48
N ARG C 18 18.78 -7.09 -43.30
CA ARG C 18 18.12 -6.09 -42.48
C ARG C 18 17.35 -6.79 -41.37
N ALA C 19 17.64 -6.40 -40.12
CA ALA C 19 17.02 -7.01 -38.95
C ALA C 19 15.96 -6.07 -38.40
N THR C 20 14.73 -6.57 -38.31
CA THR C 20 13.60 -5.81 -37.76
C THR C 20 13.18 -6.42 -36.44
N LEU C 21 13.09 -5.60 -35.40
CA LEU C 21 12.73 -6.03 -34.07
C LEU C 21 11.50 -5.26 -33.60
N SER C 22 10.57 -5.96 -32.98
CA SER C 22 9.30 -5.38 -32.55
C SER C 22 9.22 -5.32 -31.03
N CYS C 23 8.73 -4.20 -30.51
CA CYS C 23 8.54 -3.99 -29.07
C CYS C 23 7.12 -3.52 -28.85
N ARG C 24 6.31 -4.36 -28.20
CA ARG C 24 4.93 -4.02 -27.91
C ARG C 24 4.81 -3.37 -26.53
N ALA C 25 3.64 -2.82 -26.24
CA ALA C 25 3.42 -2.09 -25.00
C ALA C 25 2.03 -2.39 -24.46
N SER C 26 1.95 -2.57 -23.13
CA SER C 26 0.65 -2.74 -22.49
C SER C 26 -0.20 -1.49 -22.62
N GLN C 27 0.41 -0.31 -22.45
CA GLN C 27 -0.28 0.97 -22.55
C GLN C 27 0.55 1.90 -23.42
N SER C 28 -0.11 2.96 -23.89
CA SER C 28 0.59 3.97 -24.68
C SER C 28 1.64 4.67 -23.83
N VAL C 29 2.80 4.90 -24.42
CA VAL C 29 3.91 5.56 -23.73
C VAL C 29 4.42 6.72 -24.56
N SER C 30 3.67 7.09 -25.59
CA SER C 30 4.10 8.11 -26.55
C SER C 30 5.45 7.68 -27.12
N SER C 31 6.33 8.63 -27.42
CA SER C 31 7.64 8.32 -27.99
C SER C 31 8.70 8.07 -26.93
N TYR C 32 8.30 7.63 -25.73
CA TYR C 32 9.23 7.47 -24.61
C TYR C 32 9.76 6.04 -24.55
N LEU C 33 10.47 5.65 -25.60
CA LEU C 33 11.07 4.31 -25.69
C LEU C 33 12.55 4.42 -26.02
N ALA C 34 13.34 3.51 -25.44
CA ALA C 34 14.77 3.45 -25.68
C ALA C 34 15.16 2.03 -26.07
N TRP C 35 16.29 1.93 -26.76
CA TRP C 35 16.81 0.64 -27.22
C TRP C 35 18.25 0.46 -26.75
N TYR C 36 18.59 -0.76 -26.34
CA TYR C 36 19.90 -1.07 -25.81
C TYR C 36 20.44 -2.35 -26.46
N GLN C 37 21.76 -2.40 -26.62
CA GLN C 37 22.46 -3.56 -27.14
C GLN C 37 23.44 -4.06 -26.09
N GLN C 38 23.36 -5.34 -25.76
CA GLN C 38 24.18 -5.95 -24.70
C GLN C 38 24.91 -7.16 -25.27
N LYS C 39 26.17 -6.97 -25.64
CA LYS C 39 26.99 -8.08 -26.11
C LYS C 39 27.33 -9.01 -24.95
N PRO C 40 27.56 -10.30 -25.23
CA PRO C 40 27.90 -11.23 -24.15
C PRO C 40 29.14 -10.79 -23.39
N GLY C 41 29.06 -10.87 -22.06
CA GLY C 41 30.15 -10.45 -21.21
C GLY C 41 30.33 -8.95 -21.09
N GLN C 42 29.37 -8.16 -21.57
CA GLN C 42 29.48 -6.71 -21.57
C GLN C 42 28.18 -6.09 -21.07
N ALA C 43 28.26 -4.80 -20.74
CA ALA C 43 27.10 -4.04 -20.28
C ALA C 43 26.28 -3.56 -21.47
N PRO C 44 24.99 -3.28 -21.25
CA PRO C 44 24.16 -2.70 -22.32
C PRO C 44 24.70 -1.34 -22.77
N ARG C 45 24.53 -1.07 -24.05
CA ARG C 45 24.96 0.18 -24.65
C ARG C 45 23.74 0.88 -25.25
N LEU C 46 23.60 2.18 -24.97
CA LEU C 46 22.48 2.93 -25.49
C LEU C 46 22.56 3.04 -27.01
N LEU C 47 21.48 2.67 -27.68
CA LEU C 47 21.40 2.71 -29.14
C LEU C 47 20.42 3.75 -29.64
N ILE C 48 19.18 3.71 -29.17
CA ILE C 48 18.13 4.62 -29.60
C ILE C 48 17.46 5.18 -28.34
N TYR C 49 17.25 6.50 -28.32
CA TYR C 49 16.47 7.15 -27.29
C TYR C 49 15.36 7.98 -27.94
N GLY C 50 14.23 8.10 -27.25
CA GLY C 50 13.09 8.81 -27.81
C GLY C 50 12.39 8.06 -28.91
N ALA C 51 12.74 6.79 -29.12
CA ALA C 51 12.11 5.89 -30.08
C ALA C 51 12.48 6.24 -31.52
N SER C 52 13.19 7.35 -31.71
CA SER C 52 13.61 7.72 -33.06
C SER C 52 15.04 8.24 -33.10
N SER C 53 15.50 8.85 -32.01
CA SER C 53 16.80 9.50 -32.01
C SER C 53 17.90 8.47 -31.77
N ARG C 54 19.03 8.70 -32.42
CA ARG C 54 20.19 7.82 -32.35
C ARG C 54 21.21 8.38 -31.37
N ALA C 55 21.70 7.52 -30.47
CA ALA C 55 22.68 7.95 -29.48
C ALA C 55 24.02 8.22 -30.14
N THR C 56 24.84 9.02 -29.44
CA THR C 56 26.13 9.42 -29.98
C THR C 56 27.05 8.21 -30.15
N GLY C 57 27.81 8.20 -31.24
CA GLY C 57 28.72 7.12 -31.54
C GLY C 57 28.10 5.91 -32.19
N ILE C 58 26.81 5.94 -32.50
CA ILE C 58 26.09 4.81 -33.08
C ILE C 58 26.06 4.98 -34.59
N PRO C 59 26.42 3.97 -35.37
CA PRO C 59 26.38 4.09 -36.84
C PRO C 59 24.96 4.29 -37.35
N ASP C 60 24.87 4.90 -38.53
CA ASP C 60 23.59 5.25 -39.13
C ASP C 60 22.77 4.03 -39.55
N ARG C 61 23.37 2.84 -39.60
CA ARG C 61 22.63 1.65 -40.01
C ARG C 61 21.54 1.27 -39.01
N PHE C 62 21.59 1.81 -37.80
CA PHE C 62 20.55 1.60 -36.81
C PHE C 62 19.50 2.70 -36.94
N SER C 63 18.23 2.34 -36.73
CA SER C 63 17.14 3.30 -36.81
C SER C 63 15.97 2.81 -35.97
N GLY C 64 15.27 3.76 -35.36
CA GLY C 64 14.11 3.44 -34.54
C GLY C 64 12.81 3.95 -35.14
N SER C 65 11.70 3.34 -34.75
CA SER C 65 10.38 3.74 -35.23
C SER C 65 9.34 3.35 -34.20
N GLY C 66 8.07 3.52 -34.56
CA GLY C 66 6.96 3.25 -33.66
C GLY C 66 6.49 4.51 -32.95
N SER C 67 5.20 4.54 -32.61
CA SER C 67 4.60 5.75 -32.07
C SER C 67 4.15 5.62 -30.62
N GLY C 68 3.20 4.74 -30.32
CA GLY C 68 2.72 4.67 -28.95
C GLY C 68 2.69 3.31 -28.28
N THR C 69 2.46 2.27 -29.05
CA THR C 69 2.42 0.91 -28.49
C THR C 69 3.29 -0.07 -29.27
N ASP C 70 3.32 0.05 -30.59
CA ASP C 70 4.13 -0.82 -31.44
C ASP C 70 5.37 -0.04 -31.86
N PHE C 71 6.54 -0.62 -31.59
CA PHE C 71 7.82 0.01 -31.91
C PHE C 71 8.65 -0.96 -32.74
N THR C 72 9.48 -0.40 -33.62
CA THR C 72 10.29 -1.19 -34.51
C THR C 72 11.73 -0.68 -34.50
N LEU C 73 12.67 -1.60 -34.32
CA LEU C 73 14.10 -1.31 -34.43
C LEU C 73 14.63 -2.01 -35.68
N THR C 74 15.17 -1.24 -36.61
CA THR C 74 15.68 -1.77 -37.86
C THR C 74 17.19 -1.55 -37.92
N ILE C 75 17.93 -2.63 -38.18
CA ILE C 75 19.38 -2.59 -38.32
C ILE C 75 19.70 -3.08 -39.72
N SER C 76 20.32 -2.22 -40.52
CA SER C 76 20.71 -2.56 -41.88
C SER C 76 22.21 -2.81 -41.96
N ARG C 77 22.63 -3.43 -43.06
CA ARG C 77 24.04 -3.68 -43.34
C ARG C 77 24.72 -4.39 -42.17
N LEU C 78 24.16 -5.54 -41.83
CA LEU C 78 24.56 -6.25 -40.62
C LEU C 78 26.02 -6.67 -40.68
N GLU C 79 26.74 -6.37 -39.59
CA GLU C 79 28.15 -6.71 -39.43
C GLU C 79 28.30 -7.80 -38.37
N PRO C 80 29.40 -8.56 -38.40
CA PRO C 80 29.55 -9.65 -37.42
C PRO C 80 29.53 -9.18 -35.97
N GLU C 81 29.91 -7.93 -35.70
CA GLU C 81 29.93 -7.42 -34.34
C GLU C 81 28.62 -6.76 -33.92
N ASP C 82 27.65 -6.62 -34.83
CA ASP C 82 26.41 -5.91 -34.55
C ASP C 82 25.32 -6.79 -33.98
N PHE C 83 25.67 -7.91 -33.35
CA PHE C 83 24.70 -8.93 -32.99
C PHE C 83 24.83 -9.27 -31.51
N ALA C 84 23.73 -9.12 -30.79
CA ALA C 84 23.67 -9.33 -29.34
C ALA C 84 22.20 -9.37 -28.95
N VAL C 85 21.93 -9.33 -27.64
CA VAL C 85 20.55 -9.24 -27.16
C VAL C 85 20.15 -7.77 -27.15
N TYR C 86 19.00 -7.47 -27.75
CA TYR C 86 18.52 -6.11 -27.88
C TYR C 86 17.28 -5.93 -27.01
N TYR C 87 17.31 -4.93 -26.13
CA TYR C 87 16.24 -4.65 -25.20
C TYR C 87 15.58 -3.32 -25.53
N CYS C 88 14.28 -3.22 -25.25
CA CYS C 88 13.53 -1.97 -25.37
C CYS C 88 13.04 -1.56 -23.99
N GLN C 89 13.20 -0.28 -23.66
CA GLN C 89 12.81 0.27 -22.37
C GLN C 89 11.86 1.45 -22.58
N GLN C 90 10.79 1.47 -21.80
CA GLN C 90 9.86 2.59 -21.80
C GLN C 90 10.10 3.47 -20.56
N TYR C 91 9.85 4.76 -20.72
CA TYR C 91 9.93 5.71 -19.62
C TYR C 91 8.75 6.67 -19.67
N GLY C 92 7.56 6.12 -19.91
CA GLY C 92 6.35 6.92 -19.92
C GLY C 92 5.68 7.00 -18.57
N SER C 93 5.65 5.87 -17.85
CA SER C 93 5.04 5.81 -16.53
C SER C 93 5.93 5.01 -15.59
N SER C 94 6.04 5.48 -14.36
CA SER C 94 6.82 4.77 -13.36
C SER C 94 6.07 3.53 -12.89
N PRO C 95 6.77 2.42 -12.62
CA PRO C 95 8.21 2.20 -12.75
C PRO C 95 8.64 1.91 -14.20
N ARG C 96 9.86 2.28 -14.56
CA ARG C 96 10.38 1.98 -15.89
C ARG C 96 10.63 0.48 -16.02
N THR C 97 10.28 -0.07 -17.18
CA THR C 97 10.36 -1.49 -17.43
C THR C 97 11.07 -1.75 -18.76
N PHE C 98 11.76 -2.89 -18.82
CA PHE C 98 12.45 -3.32 -20.03
C PHE C 98 11.66 -4.42 -20.72
N GLY C 99 12.22 -4.94 -21.81
CA GLY C 99 11.69 -6.11 -22.47
C GLY C 99 12.51 -7.35 -22.14
N GLN C 100 11.94 -8.51 -22.47
CA GLN C 100 12.61 -9.77 -22.19
C GLN C 100 13.87 -9.97 -23.05
N GLY C 101 14.01 -9.20 -24.12
CA GLY C 101 15.17 -9.28 -24.99
C GLY C 101 14.84 -9.96 -26.30
N THR C 102 15.77 -9.79 -27.24
CA THR C 102 15.63 -10.36 -28.58
C THR C 102 17.04 -10.64 -29.11
N LYS C 103 17.45 -11.91 -29.09
CA LYS C 103 18.78 -12.29 -29.52
C LYS C 103 18.90 -12.21 -31.04
N LEU C 104 20.13 -12.01 -31.51
CA LEU C 104 20.42 -11.92 -32.94
C LEU C 104 21.68 -12.72 -33.24
N GLU C 105 21.56 -13.67 -34.16
CA GLU C 105 22.66 -14.57 -34.53
C GLU C 105 23.24 -14.17 -35.88
N ILE C 106 24.52 -14.48 -36.06
CA ILE C 106 25.21 -14.31 -37.34
C ILE C 106 25.22 -15.67 -38.03
N LYS C 107 24.32 -15.84 -38.99
CA LYS C 107 24.26 -17.09 -39.74
C LYS C 107 25.51 -17.25 -40.59
N ARG C 108 25.82 -18.50 -40.91
CA ARG C 108 26.99 -18.83 -41.71
C ARG C 108 26.76 -20.16 -42.40
N THR C 109 27.82 -20.69 -43.01
CA THR C 109 27.77 -22.00 -43.62
C THR C 109 27.67 -23.08 -42.54
N VAL C 110 27.18 -24.25 -42.94
CA VAL C 110 27.06 -25.38 -42.02
C VAL C 110 28.44 -26.01 -41.85
N ALA C 111 28.90 -26.08 -40.61
CA ALA C 111 30.22 -26.62 -40.27
C ALA C 111 30.05 -27.88 -39.45
N ALA C 112 30.69 -28.97 -39.90
CA ALA C 112 30.61 -30.23 -39.18
C ALA C 112 31.39 -30.12 -37.87
N PRO C 113 30.84 -30.60 -36.75
CA PRO C 113 31.56 -30.53 -35.49
C PRO C 113 32.78 -31.43 -35.47
N SER C 114 33.82 -30.97 -34.75
CA SER C 114 35.00 -31.77 -34.49
C SER C 114 34.82 -32.40 -33.11
N VAL C 115 34.71 -33.72 -33.07
CA VAL C 115 34.37 -34.44 -31.85
C VAL C 115 35.63 -34.96 -31.19
N PHE C 116 35.79 -34.63 -29.90
CA PHE C 116 36.90 -35.11 -29.09
C PHE C 116 36.35 -35.62 -27.77
N ILE C 117 36.97 -36.69 -27.24
CA ILE C 117 36.54 -37.30 -26.00
C ILE C 117 37.76 -37.41 -25.07
N PHE C 118 37.55 -37.09 -23.80
CA PHE C 118 38.63 -37.06 -22.82
C PHE C 118 38.28 -37.97 -21.64
N PRO C 119 39.04 -39.04 -21.40
CA PRO C 119 38.80 -39.88 -20.22
C PRO C 119 39.13 -39.13 -18.94
N PRO C 120 38.56 -39.52 -17.81
CA PRO C 120 38.89 -38.86 -16.55
C PRO C 120 40.35 -39.05 -16.19
N SER C 121 40.94 -38.02 -15.59
CA SER C 121 42.34 -38.07 -15.22
C SER C 121 42.54 -38.97 -14.00
N ASP C 122 43.76 -39.51 -13.89
CA ASP C 122 44.09 -40.34 -12.73
C ASP C 122 44.07 -39.52 -11.44
N GLU C 123 44.47 -38.25 -11.51
CA GLU C 123 44.44 -37.40 -10.33
C GLU C 123 43.02 -37.24 -9.81
N GLN C 124 42.06 -37.01 -10.71
CA GLN C 124 40.65 -36.93 -10.29
C GLN C 124 40.15 -38.29 -9.83
N LEU C 125 40.65 -39.37 -10.42
CA LEU C 125 40.19 -40.71 -10.06
C LEU C 125 40.54 -41.04 -8.61
N LYS C 126 41.61 -40.44 -8.08
CA LYS C 126 41.97 -40.68 -6.69
C LYS C 126 40.88 -40.20 -5.74
N SER C 127 40.28 -39.03 -6.04
CA SER C 127 39.26 -38.45 -5.17
C SER C 127 37.98 -39.26 -5.14
N GLY C 128 37.81 -40.23 -6.04
CA GLY C 128 36.63 -41.06 -6.06
C GLY C 128 35.55 -40.65 -7.04
N THR C 129 35.83 -39.72 -7.95
CA THR C 129 34.89 -39.28 -8.95
C THR C 129 35.57 -39.27 -10.32
N ALA C 130 34.85 -39.75 -11.33
CA ALA C 130 35.36 -39.79 -12.69
C ALA C 130 34.48 -38.90 -13.58
N SER C 131 35.11 -38.08 -14.41
CA SER C 131 34.42 -37.17 -15.31
C SER C 131 34.87 -37.44 -16.74
N VAL C 132 33.92 -37.78 -17.61
CA VAL C 132 34.17 -38.03 -19.01
C VAL C 132 33.63 -36.85 -19.80
N VAL C 133 34.48 -36.26 -20.65
CA VAL C 133 34.18 -35.03 -21.36
C VAL C 133 34.16 -35.30 -22.85
N CYS C 134 33.09 -34.89 -23.51
CA CYS C 134 32.97 -34.96 -24.97
C CYS C 134 32.86 -33.55 -25.52
N LEU C 135 33.66 -33.24 -26.53
CA LEU C 135 33.78 -31.89 -27.05
C LEU C 135 33.26 -31.83 -28.49
N LEU C 136 32.43 -30.84 -28.76
CA LEU C 136 31.99 -30.50 -30.12
C LEU C 136 32.54 -29.12 -30.43
N ASN C 137 33.52 -29.05 -31.32
CA ASN C 137 34.28 -27.83 -31.54
C ASN C 137 34.02 -27.26 -32.93
N ASN C 138 33.68 -25.97 -32.98
CA ASN C 138 33.59 -25.21 -34.22
C ASN C 138 32.57 -25.82 -35.19
N PHE C 139 31.31 -25.80 -34.77
CA PHE C 139 30.21 -26.31 -35.56
C PHE C 139 29.12 -25.25 -35.70
N TYR C 140 28.34 -25.38 -36.77
CA TYR C 140 27.17 -24.57 -37.05
C TYR C 140 26.21 -25.43 -37.84
N PRO C 141 24.90 -25.38 -37.55
CA PRO C 141 24.21 -24.53 -36.58
C PRO C 141 24.38 -24.98 -35.13
N ARG C 142 23.76 -24.23 -34.20
CA ARG C 142 23.91 -24.53 -32.78
C ARG C 142 23.31 -25.88 -32.41
N GLU C 143 22.19 -26.24 -33.03
CA GLU C 143 21.49 -27.46 -32.66
C GLU C 143 22.36 -28.69 -32.88
N ALA C 144 22.42 -29.55 -31.87
CA ALA C 144 23.19 -30.78 -31.93
C ALA C 144 22.68 -31.73 -30.87
N LYS C 145 22.79 -33.03 -31.15
CA LYS C 145 22.34 -34.08 -30.24
C LYS C 145 23.55 -34.91 -29.81
N VAL C 146 23.77 -35.00 -28.51
CA VAL C 146 24.88 -35.76 -27.94
C VAL C 146 24.32 -36.87 -27.07
N GLN C 147 24.73 -38.10 -27.34
CA GLN C 147 24.27 -39.27 -26.60
C GLN C 147 25.46 -39.95 -25.95
N TRP C 148 25.32 -40.29 -24.67
CA TRP C 148 26.34 -41.04 -23.94
C TRP C 148 25.96 -42.51 -23.93
N LYS C 149 26.81 -43.34 -24.54
CA LYS C 149 26.58 -44.78 -24.62
C LYS C 149 27.75 -45.48 -23.96
N VAL C 150 27.50 -46.10 -22.81
CA VAL C 150 28.51 -46.81 -22.04
C VAL C 150 28.24 -48.31 -22.20
N ASP C 151 29.20 -49.03 -22.79
CA ASP C 151 29.02 -50.44 -23.15
C ASP C 151 27.78 -50.61 -24.02
N ASN C 152 27.61 -49.69 -24.98
CA ASN C 152 26.50 -49.70 -25.94
C ASN C 152 25.15 -49.62 -25.23
N ALA C 153 25.12 -49.02 -24.04
CA ALA C 153 23.89 -48.78 -23.31
C ALA C 153 23.73 -47.28 -23.11
N LEU C 154 22.57 -46.75 -23.50
CA LEU C 154 22.35 -45.32 -23.44
C LEU C 154 22.26 -44.85 -21.99
N GLN C 155 23.04 -43.83 -21.66
CA GLN C 155 23.08 -43.26 -20.31
C GLN C 155 22.24 -41.99 -20.26
N SER C 156 21.54 -41.80 -19.14
CA SER C 156 20.71 -40.62 -18.95
C SER C 156 20.70 -40.25 -17.47
N GLY C 157 20.96 -38.99 -17.17
CA GLY C 157 20.88 -38.47 -15.81
C GLY C 157 22.17 -37.92 -15.25
N ASN C 158 23.32 -38.14 -15.89
CA ASN C 158 24.60 -37.66 -15.37
C ASN C 158 25.33 -36.77 -16.35
N SER C 159 24.69 -36.39 -17.46
CA SER C 159 25.31 -35.56 -18.49
C SER C 159 24.77 -34.14 -18.40
N GLN C 160 25.68 -33.17 -18.37
CA GLN C 160 25.34 -31.76 -18.43
C GLN C 160 26.05 -31.14 -19.62
N GLU C 161 25.34 -30.30 -20.37
CA GLU C 161 25.85 -29.71 -21.59
C GLU C 161 26.02 -28.20 -21.41
N SER C 162 27.10 -27.67 -22.00
CA SER C 162 27.37 -26.24 -21.99
C SER C 162 27.77 -25.80 -23.40
N VAL C 163 27.21 -24.70 -23.86
CA VAL C 163 27.46 -24.18 -25.21
C VAL C 163 28.00 -22.77 -25.09
N THR C 164 29.10 -22.50 -25.79
CA THR C 164 29.65 -21.16 -25.84
C THR C 164 28.82 -20.27 -26.77
N GLU C 165 29.04 -18.97 -26.66
CA GLU C 165 28.44 -18.04 -27.60
C GLU C 165 29.12 -18.15 -28.96
N GLN C 166 28.54 -17.47 -29.95
CA GLN C 166 29.13 -17.49 -31.29
C GLN C 166 30.53 -16.90 -31.25
N ASP C 167 31.50 -17.65 -31.79
CA ASP C 167 32.87 -17.18 -31.82
C ASP C 167 33.00 -15.97 -32.72
N SER C 168 33.85 -15.02 -32.32
CA SER C 168 34.10 -13.85 -33.15
C SER C 168 34.72 -14.25 -34.49
N LYS C 169 35.57 -15.28 -34.47
CA LYS C 169 36.17 -15.81 -35.69
C LYS C 169 35.47 -17.11 -36.07
N ASP C 170 35.13 -17.24 -37.35
CA ASP C 170 34.46 -18.40 -37.95
C ASP C 170 32.99 -18.48 -37.54
N SER C 171 32.56 -17.61 -36.62
CA SER C 171 31.17 -17.57 -36.15
C SER C 171 30.65 -18.96 -35.81
N THR C 172 31.46 -19.74 -35.10
CA THR C 172 31.17 -21.13 -34.82
C THR C 172 30.87 -21.35 -33.35
N TYR C 173 30.00 -22.32 -33.08
CA TYR C 173 29.66 -22.73 -31.73
C TYR C 173 30.62 -23.80 -31.23
N SER C 174 30.53 -24.06 -29.93
CA SER C 174 31.28 -25.16 -29.32
C SER C 174 30.48 -25.68 -28.14
N LEU C 175 30.33 -27.01 -28.05
CA LEU C 175 29.51 -27.64 -27.04
C LEU C 175 30.35 -28.65 -26.27
N SER C 176 30.13 -28.72 -24.95
CA SER C 176 30.80 -29.67 -24.08
C SER C 176 29.76 -30.49 -23.34
N SER C 177 29.92 -31.81 -23.39
CA SER C 177 29.06 -32.74 -22.65
C SER C 177 29.94 -33.52 -21.67
N THR C 178 29.59 -33.45 -20.39
CA THR C 178 30.38 -34.07 -19.32
C THR C 178 29.53 -35.11 -18.61
N LEU C 179 30.07 -36.32 -18.47
CA LEU C 179 29.43 -37.41 -17.76
C LEU C 179 30.11 -37.60 -16.41
N THR C 180 29.32 -37.52 -15.33
CA THR C 180 29.83 -37.60 -13.97
C THR C 180 29.42 -38.93 -13.35
N LEU C 181 30.42 -39.72 -12.94
CA LEU C 181 30.17 -41.03 -12.35
C LEU C 181 31.13 -41.22 -11.17
N SER C 182 30.75 -42.11 -10.26
CA SER C 182 31.64 -42.50 -9.18
C SER C 182 32.76 -43.37 -9.72
N LYS C 183 33.86 -43.43 -8.97
CA LYS C 183 34.96 -44.30 -9.36
C LYS C 183 34.51 -45.75 -9.44
N ALA C 184 33.61 -46.16 -8.54
CA ALA C 184 33.06 -47.51 -8.57
C ALA C 184 32.25 -47.74 -9.84
N ASP C 185 31.19 -46.95 -10.05
CA ASP C 185 30.35 -47.09 -11.23
C ASP C 185 31.12 -46.81 -12.52
N TYR C 186 32.25 -46.10 -12.42
CA TYR C 186 33.09 -45.87 -13.60
C TYR C 186 33.86 -47.14 -13.99
N GLU C 187 34.41 -47.85 -13.01
CA GLU C 187 35.21 -49.03 -13.29
C GLU C 187 34.37 -50.30 -13.31
N LYS C 188 33.05 -50.17 -13.24
CA LYS C 188 32.10 -51.23 -13.55
C LYS C 188 31.70 -51.23 -15.02
N HIS C 189 32.53 -50.64 -15.88
CA HIS C 189 32.25 -50.55 -17.31
C HIS C 189 33.58 -50.51 -18.05
N LYS C 190 33.52 -50.77 -19.36
CA LYS C 190 34.73 -50.81 -20.18
C LYS C 190 34.76 -49.73 -21.26
N VAL C 191 33.72 -49.65 -22.09
CA VAL C 191 33.72 -48.77 -23.26
C VAL C 191 32.88 -47.54 -22.96
N TYR C 192 33.45 -46.37 -23.22
CA TYR C 192 32.77 -45.09 -23.02
C TYR C 192 32.77 -44.34 -24.34
N ALA C 193 31.60 -44.27 -24.98
CA ALA C 193 31.47 -43.70 -26.32
C ALA C 193 30.62 -42.45 -26.27
N CYS C 194 30.91 -41.52 -27.17
CA CYS C 194 30.15 -40.29 -27.35
C CYS C 194 29.70 -40.20 -28.80
N GLU C 195 28.38 -40.24 -29.01
CA GLU C 195 27.80 -40.18 -30.34
C GLU C 195 27.19 -38.81 -30.57
N VAL C 196 27.52 -38.19 -31.70
CA VAL C 196 27.10 -36.83 -32.02
C VAL C 196 26.25 -36.86 -33.27
N THR C 197 25.06 -36.27 -33.18
CA THR C 197 24.18 -36.10 -34.34
C THR C 197 24.11 -34.61 -34.66
N HIS C 198 24.51 -34.25 -35.88
CA HIS C 198 24.54 -32.86 -36.29
C HIS C 198 24.12 -32.76 -37.75
N GLN C 199 23.66 -31.57 -38.14
CA GLN C 199 23.24 -31.36 -39.52
C GLN C 199 24.41 -31.53 -40.49
N GLY C 200 25.59 -31.07 -40.11
CA GLY C 200 26.77 -31.17 -40.95
C GLY C 200 27.40 -32.54 -41.02
N LEU C 201 26.81 -33.54 -40.37
CA LEU C 201 27.31 -34.90 -40.39
C LEU C 201 26.34 -35.78 -41.17
N SER C 202 26.86 -36.51 -42.16
CA SER C 202 26.02 -37.42 -42.92
C SER C 202 25.47 -38.53 -42.03
N SER C 203 26.30 -39.08 -41.17
CA SER C 203 25.92 -40.10 -40.19
C SER C 203 26.46 -39.68 -38.84
N PRO C 204 25.84 -40.14 -37.75
CA PRO C 204 26.35 -39.79 -36.42
C PRO C 204 27.80 -40.22 -36.25
N VAL C 205 28.58 -39.35 -35.60
CA VAL C 205 30.01 -39.58 -35.36
C VAL C 205 30.17 -40.04 -33.93
N THR C 206 30.88 -41.14 -33.73
CA THR C 206 31.06 -41.74 -32.42
C THR C 206 32.54 -41.76 -32.07
N LYS C 207 32.89 -41.22 -30.90
CA LYS C 207 34.24 -41.26 -30.35
C LYS C 207 34.21 -42.05 -29.05
N SER C 208 35.07 -43.05 -28.94
CA SER C 208 35.04 -43.97 -27.81
C SER C 208 36.46 -44.24 -27.31
N PHE C 209 36.53 -44.67 -26.06
CA PHE C 209 37.79 -45.10 -25.46
C PHE C 209 37.50 -46.24 -24.50
N ASN C 210 38.54 -47.00 -24.17
CA ASN C 210 38.46 -48.11 -23.24
C ASN C 210 39.22 -47.76 -21.96
N ARG C 211 38.60 -48.03 -20.81
CA ARG C 211 39.24 -47.78 -19.52
C ARG C 211 40.44 -48.70 -19.33
N GLN D 1 -24.49 20.29 1.47
CA GLN D 1 -25.51 19.75 0.57
C GLN D 1 -25.25 18.29 0.26
N MET D 2 -24.35 17.67 1.01
CA MET D 2 -24.00 16.27 0.84
C MET D 2 -24.46 15.49 2.07
N GLN D 3 -24.90 14.25 1.84
CA GLN D 3 -25.34 13.37 2.92
C GLN D 3 -24.70 12.00 2.74
N LEU D 4 -24.41 11.35 3.87
CA LEU D 4 -23.77 10.04 3.88
C LEU D 4 -24.78 8.98 4.30
N VAL D 5 -24.89 7.93 3.49
CA VAL D 5 -25.75 6.79 3.78
C VAL D 5 -24.89 5.54 3.78
N GLN D 6 -24.96 4.78 4.87
CA GLN D 6 -24.12 3.61 5.06
C GLN D 6 -24.92 2.34 4.79
N SER D 7 -24.24 1.20 4.87
CA SER D 7 -24.85 -0.10 4.66
C SER D 7 -25.66 -0.52 5.88
N GLY D 8 -26.32 -1.67 5.78
CA GLY D 8 -27.21 -2.14 6.82
C GLY D 8 -26.48 -2.90 7.93
N THR D 9 -27.27 -3.34 8.91
CA THR D 9 -26.74 -4.06 10.05
C THR D 9 -26.15 -5.39 9.64
N GLU D 10 -25.03 -5.76 10.24
CA GLU D 10 -24.33 -7.01 9.95
C GLU D 10 -24.25 -7.86 11.20
N VAL D 11 -24.57 -9.14 11.07
CA VAL D 11 -24.41 -10.12 12.14
C VAL D 11 -23.55 -11.25 11.58
N LYS D 12 -22.37 -11.44 12.16
CA LYS D 12 -21.39 -12.35 11.61
C LYS D 12 -20.78 -13.21 12.71
N LYS D 13 -20.30 -14.39 12.32
CA LYS D 13 -19.54 -15.25 13.21
C LYS D 13 -18.08 -14.81 13.25
N PRO D 14 -17.36 -15.12 14.33
CA PRO D 14 -15.93 -14.79 14.37
C PRO D 14 -15.18 -15.52 13.27
N GLY D 15 -14.17 -14.84 12.72
CA GLY D 15 -13.39 -15.37 11.62
C GLY D 15 -13.95 -15.11 10.25
N GLU D 16 -15.15 -14.55 10.15
CA GLU D 16 -15.72 -14.18 8.86
C GLU D 16 -15.13 -12.87 8.36
N SER D 17 -15.11 -12.70 7.05
CA SER D 17 -14.73 -11.44 6.43
C SER D 17 -15.95 -10.54 6.31
N LEU D 18 -15.70 -9.23 6.40
CA LEU D 18 -16.78 -8.24 6.35
C LEU D 18 -16.30 -7.02 5.59
N LYS D 19 -17.23 -6.36 4.89
CA LYS D 19 -16.92 -5.15 4.13
C LYS D 19 -18.18 -4.29 4.13
N ILE D 20 -18.19 -3.27 4.99
CA ILE D 20 -19.32 -2.34 5.07
C ILE D 20 -19.08 -1.18 4.13
N SER D 21 -20.16 -0.48 3.78
CA SER D 21 -20.14 0.54 2.74
C SER D 21 -20.63 1.87 3.27
N CYS D 22 -20.26 2.94 2.57
CA CYS D 22 -20.64 4.30 2.93
C CYS D 22 -20.66 5.13 1.66
N LYS D 23 -21.86 5.47 1.18
CA LYS D 23 -22.03 6.24 -0.05
C LYS D 23 -22.54 7.64 0.29
N GLY D 24 -21.95 8.63 -0.35
CA GLY D 24 -22.35 10.03 -0.18
C GLY D 24 -22.99 10.55 -1.45
N SER D 25 -24.01 11.39 -1.28
CA SER D 25 -24.74 11.97 -2.39
C SER D 25 -25.04 13.43 -2.11
N GLY D 26 -24.95 14.25 -3.15
CA GLY D 26 -25.23 15.66 -3.05
C GLY D 26 -24.28 16.46 -3.91
N TYR D 27 -24.15 17.74 -3.58
CA TYR D 27 -23.27 18.66 -4.30
C TYR D 27 -21.92 18.67 -3.60
N GLY D 28 -20.90 18.18 -4.29
CA GLY D 28 -19.56 18.13 -3.70
C GLY D 28 -18.96 16.75 -3.72
N PHE D 29 -18.46 16.31 -2.56
CA PHE D 29 -17.82 15.00 -2.37
C PHE D 29 -16.48 14.93 -3.07
N ILE D 30 -16.14 15.94 -3.87
CA ILE D 30 -14.78 16.04 -4.39
C ILE D 30 -13.86 16.65 -3.34
N THR D 31 -14.42 17.50 -2.47
CA THR D 31 -13.69 18.09 -1.36
C THR D 31 -13.73 17.21 -0.12
N TYR D 32 -14.67 16.28 -0.03
CA TYR D 32 -14.92 15.56 1.20
C TYR D 32 -13.92 14.42 1.37
N TRP D 33 -13.20 14.42 2.49
CA TRP D 33 -12.41 13.29 2.93
C TRP D 33 -13.26 12.45 3.88
N ILE D 34 -13.31 11.15 3.63
CA ILE D 34 -14.21 10.25 4.36
C ILE D 34 -13.40 9.45 5.36
N GLY D 35 -13.73 9.61 6.64
CA GLY D 35 -13.11 8.86 7.71
C GLY D 35 -14.06 7.82 8.29
N TRP D 36 -13.52 7.03 9.22
CA TRP D 36 -14.27 5.98 9.89
C TRP D 36 -14.07 6.09 11.39
N VAL D 37 -15.17 6.06 12.14
CA VAL D 37 -15.15 6.19 13.59
C VAL D 37 -15.83 4.97 14.20
N ARG D 38 -15.15 4.34 15.15
CA ARG D 38 -15.68 3.18 15.87
C ARG D 38 -16.25 3.61 17.21
N GLN D 39 -17.35 2.98 17.62
CA GLN D 39 -17.97 3.25 18.91
C GLN D 39 -18.43 1.91 19.51
N MET D 40 -17.61 1.37 20.40
CA MET D 40 -17.97 0.13 21.08
C MET D 40 -19.12 0.39 22.04
N PRO D 41 -19.94 -0.62 22.33
CA PRO D 41 -21.14 -0.41 23.16
C PRO D 41 -20.78 0.18 24.52
N GLY D 42 -21.33 1.36 24.79
CA GLY D 42 -21.07 2.07 26.03
C GLY D 42 -19.77 2.85 26.05
N LYS D 43 -19.00 2.83 24.97
CA LYS D 43 -17.71 3.50 24.91
C LYS D 43 -17.84 4.77 24.06
N GLY D 44 -16.72 5.50 23.98
CA GLY D 44 -16.67 6.74 23.24
C GLY D 44 -16.39 6.52 21.76
N LEU D 45 -15.91 7.59 21.12
CA LEU D 45 -15.65 7.59 19.69
C LEU D 45 -14.16 7.37 19.44
N GLU D 46 -13.83 6.44 18.56
CA GLU D 46 -12.46 6.12 18.20
C GLU D 46 -12.26 6.35 16.72
N TRP D 47 -11.26 7.16 16.37
CA TRP D 47 -10.97 7.46 14.98
C TRP D 47 -10.11 6.34 14.40
N MET D 48 -10.60 5.70 13.34
CA MET D 48 -9.91 4.57 12.73
C MET D 48 -9.00 4.97 11.58
N GLY D 49 -9.46 5.87 10.71
CA GLY D 49 -8.66 6.27 9.58
C GLY D 49 -9.41 7.27 8.73
N ILE D 50 -8.84 7.56 7.55
CA ILE D 50 -9.42 8.51 6.62
C ILE D 50 -8.90 8.18 5.23
N ILE D 51 -9.70 8.48 4.21
CA ILE D 51 -9.33 8.21 2.83
C ILE D 51 -9.92 9.30 1.95
N TYR D 52 -9.15 9.73 0.95
CA TYR D 52 -9.64 10.64 -0.07
C TYR D 52 -10.08 9.83 -1.29
N PRO D 53 -11.37 9.83 -1.64
CA PRO D 53 -11.84 8.93 -2.71
C PRO D 53 -11.20 9.19 -4.07
N GLY D 54 -10.80 10.43 -4.36
CA GLY D 54 -10.32 10.75 -5.69
C GLY D 54 -9.06 9.99 -6.06
N ASP D 55 -8.08 9.96 -5.16
CA ASP D 55 -6.81 9.27 -5.41
C ASP D 55 -6.58 8.09 -4.48
N SER D 56 -7.55 7.73 -3.63
CA SER D 56 -7.45 6.61 -2.70
C SER D 56 -6.25 6.76 -1.76
N GLU D 57 -5.87 8.00 -1.44
CA GLU D 57 -4.87 8.23 -0.41
C GLU D 57 -5.49 7.92 0.95
N THR D 58 -4.84 7.04 1.70
CA THR D 58 -5.37 6.54 2.96
C THR D 58 -4.40 6.80 4.10
N ARG D 59 -4.94 7.25 5.23
CA ARG D 59 -4.18 7.45 6.45
C ARG D 59 -4.85 6.67 7.56
N TYR D 60 -4.07 5.88 8.30
CA TYR D 60 -4.60 4.98 9.33
C TYR D 60 -4.18 5.44 10.71
N SER D 61 -5.07 5.23 11.68
CA SER D 61 -4.70 5.38 13.08
C SER D 61 -3.69 4.29 13.45
N PRO D 62 -2.73 4.59 14.32
CA PRO D 62 -1.76 3.54 14.72
C PRO D 62 -2.43 2.34 15.37
N SER D 63 -3.54 2.54 16.07
CA SER D 63 -4.25 1.44 16.69
C SER D 63 -4.97 0.55 15.67
N PHE D 64 -5.31 1.11 14.50
CA PHE D 64 -6.04 0.38 13.46
C PHE D 64 -5.23 0.23 12.19
N GLN D 65 -3.89 0.32 12.27
CA GLN D 65 -3.07 0.38 11.07
C GLN D 65 -3.21 -0.88 10.23
N GLY D 66 -3.01 -2.05 10.82
CA GLY D 66 -3.04 -3.29 10.08
C GLY D 66 -4.26 -4.15 10.33
N GLN D 67 -5.08 -3.75 11.30
CA GLN D 67 -6.26 -4.54 11.65
C GLN D 67 -7.38 -4.38 10.63
N VAL D 68 -7.46 -3.22 9.97
CA VAL D 68 -8.54 -2.92 9.05
C VAL D 68 -7.95 -2.32 7.78
N THR D 69 -8.74 -2.39 6.70
CA THR D 69 -8.34 -1.84 5.41
C THR D 69 -9.43 -0.91 4.91
N ILE D 70 -9.05 0.32 4.59
CA ILE D 70 -9.98 1.35 4.12
C ILE D 70 -9.74 1.55 2.64
N SER D 71 -10.78 1.37 1.84
CA SER D 71 -10.72 1.54 0.40
C SER D 71 -11.87 2.42 -0.07
N ALA D 72 -11.88 2.73 -1.36
CA ALA D 72 -12.91 3.58 -1.93
C ALA D 72 -13.03 3.27 -3.42
N ASP D 73 -14.16 3.70 -3.98
CA ASP D 73 -14.43 3.58 -5.42
C ASP D 73 -15.04 4.91 -5.87
N LYS D 74 -14.22 5.75 -6.50
CA LYS D 74 -14.69 7.05 -6.97
C LYS D 74 -15.73 6.94 -8.07
N SER D 75 -15.88 5.76 -8.68
CA SER D 75 -16.90 5.59 -9.71
C SER D 75 -18.30 5.79 -9.15
N ILE D 76 -18.56 5.28 -7.94
CA ILE D 76 -19.87 5.30 -7.35
C ILE D 76 -19.94 6.18 -6.10
N ASN D 77 -18.86 6.86 -5.75
CA ASN D 77 -18.80 7.71 -4.56
C ASN D 77 -19.14 6.90 -3.30
N THR D 78 -18.31 5.90 -3.03
CA THR D 78 -18.58 4.97 -1.95
C THR D 78 -17.27 4.52 -1.32
N ALA D 79 -17.14 4.73 -0.01
CA ALA D 79 -15.99 4.27 0.75
C ALA D 79 -16.30 2.95 1.44
N TYR D 80 -15.26 2.22 1.80
CA TYR D 80 -15.41 0.87 2.35
C TYR D 80 -14.52 0.68 3.58
N LEU D 81 -14.99 -0.18 4.48
CA LEU D 81 -14.24 -0.60 5.65
C LEU D 81 -14.29 -2.12 5.70
N GLN D 82 -13.14 -2.76 5.54
CA GLN D 82 -13.07 -4.20 5.31
C GLN D 82 -12.26 -4.89 6.41
N TRP D 83 -12.79 -6.01 6.90
CA TRP D 83 -12.10 -6.88 7.84
C TRP D 83 -11.82 -8.22 7.18
N SER D 84 -10.57 -8.67 7.23
CA SER D 84 -10.24 -9.99 6.71
C SER D 84 -10.68 -11.11 7.65
N SER D 85 -10.66 -10.87 8.96
CA SER D 85 -11.04 -11.88 9.94
C SER D 85 -11.67 -11.17 11.13
N LEU D 86 -12.98 -11.31 11.30
CA LEU D 86 -13.68 -10.61 12.36
C LEU D 86 -13.41 -11.24 13.72
N LYS D 87 -13.52 -10.42 14.76
CA LYS D 87 -13.37 -10.86 16.14
C LYS D 87 -14.52 -10.28 16.96
N ALA D 88 -14.79 -10.90 18.11
CA ALA D 88 -15.81 -10.39 19.01
C ALA D 88 -15.46 -8.99 19.49
N SER D 89 -14.17 -8.66 19.57
CA SER D 89 -13.74 -7.32 19.95
C SER D 89 -14.14 -6.26 18.93
N ASP D 90 -14.53 -6.66 17.73
CA ASP D 90 -14.96 -5.73 16.68
C ASP D 90 -16.45 -5.42 16.74
N THR D 91 -17.16 -5.95 17.73
CA THR D 91 -18.61 -5.74 17.85
C THR D 91 -18.85 -4.30 18.28
N ALA D 92 -19.16 -3.43 17.31
CA ALA D 92 -19.37 -2.02 17.57
C ALA D 92 -20.15 -1.43 16.40
N ILE D 93 -20.69 -0.23 16.62
CA ILE D 93 -21.34 0.53 15.56
C ILE D 93 -20.29 1.43 14.91
N TYR D 94 -20.21 1.40 13.59
CA TYR D 94 -19.20 2.11 12.84
C TYR D 94 -19.86 3.22 12.03
N TYR D 95 -19.40 4.46 12.25
CA TYR D 95 -19.85 5.61 11.49
C TYR D 95 -18.80 5.99 10.46
N CYS D 96 -19.26 6.52 9.33
CA CYS D 96 -18.39 7.19 8.37
C CYS D 96 -18.67 8.67 8.42
N ALA D 97 -17.61 9.46 8.58
CA ALA D 97 -17.72 10.91 8.68
C ALA D 97 -17.05 11.57 7.50
N GLY D 98 -17.54 12.76 7.16
CA GLY D 98 -16.98 13.49 6.03
C GLY D 98 -16.67 14.94 6.36
N GLY D 99 -15.47 15.38 5.99
CA GLY D 99 -15.09 16.76 6.11
C GLY D 99 -14.47 17.22 4.80
N SER D 100 -14.50 18.53 4.59
CA SER D 100 -14.10 19.09 3.30
C SER D 100 -12.58 19.14 3.13
N GLY D 101 -11.82 18.42 3.95
CA GLY D 101 -10.39 18.31 3.75
C GLY D 101 -9.75 17.59 4.91
N ILE D 102 -8.47 17.28 4.74
CA ILE D 102 -7.68 16.75 5.84
C ILE D 102 -7.44 17.88 6.83
N PHE D 103 -7.37 17.53 8.12
CA PHE D 103 -7.20 18.49 9.20
C PHE D 103 -8.36 19.49 9.23
N THR D 104 -9.56 19.01 8.93
CA THR D 104 -10.78 19.78 8.95
C THR D 104 -11.84 19.05 9.74
N PRO D 105 -12.81 19.76 10.33
CA PRO D 105 -13.85 19.08 11.10
C PRO D 105 -14.78 18.27 10.21
N MET D 106 -15.39 17.26 10.82
CA MET D 106 -16.31 16.37 10.13
C MET D 106 -17.72 16.90 10.28
N ASP D 107 -18.30 17.38 9.18
CA ASP D 107 -19.61 18.02 9.23
C ASP D 107 -20.75 17.14 8.74
N VAL D 108 -20.48 16.20 7.83
CA VAL D 108 -21.48 15.26 7.36
C VAL D 108 -21.15 13.88 7.92
N TRP D 109 -22.15 13.24 8.53
CA TRP D 109 -21.98 11.93 9.15
C TRP D 109 -23.02 10.98 8.59
N GLY D 110 -22.67 9.69 8.59
CA GLY D 110 -23.62 8.66 8.22
C GLY D 110 -24.52 8.28 9.37
N GLN D 111 -25.50 7.43 9.08
CA GLN D 111 -26.42 6.97 10.11
C GLN D 111 -25.80 5.90 11.01
N GLY D 112 -24.71 5.30 10.58
CA GLY D 112 -24.04 4.28 11.36
C GLY D 112 -24.42 2.87 10.92
N THR D 113 -23.47 1.96 11.07
CA THR D 113 -23.67 0.55 10.72
C THR D 113 -23.33 -0.30 11.93
N THR D 114 -24.28 -1.13 12.35
CA THR D 114 -24.12 -1.98 13.53
C THR D 114 -23.55 -3.32 13.11
N VAL D 115 -22.42 -3.70 13.70
CA VAL D 115 -21.76 -4.97 13.41
C VAL D 115 -21.70 -5.76 14.71
N ALA D 116 -22.28 -6.95 14.70
CA ALA D 116 -22.28 -7.86 15.85
C ALA D 116 -21.52 -9.12 15.47
N VAL D 117 -20.37 -9.33 16.10
CA VAL D 117 -19.52 -10.47 15.81
C VAL D 117 -19.61 -11.41 17.01
N SER D 118 -20.41 -12.47 16.87
CA SER D 118 -20.59 -13.44 17.94
C SER D 118 -20.71 -14.82 17.33
N SER D 119 -20.37 -15.84 18.13
CA SER D 119 -20.60 -17.21 17.73
C SER D 119 -22.01 -17.69 18.04
N ALA D 120 -22.81 -16.86 18.71
CA ALA D 120 -24.19 -17.23 19.01
C ALA D 120 -25.01 -17.26 17.73
N SER D 121 -25.88 -18.26 17.63
CA SER D 121 -26.73 -18.43 16.47
C SER D 121 -28.08 -17.77 16.71
N THR D 122 -28.80 -17.50 15.62
CA THR D 122 -30.09 -16.83 15.71
C THR D 122 -31.09 -17.68 16.49
N LYS D 123 -31.76 -17.07 17.45
CA LYS D 123 -32.72 -17.76 18.29
C LYS D 123 -33.86 -16.81 18.64
N GLY D 124 -35.08 -17.33 18.58
CA GLY D 124 -36.26 -16.55 18.89
C GLY D 124 -36.39 -16.28 20.38
N PRO D 125 -36.97 -15.12 20.72
CA PRO D 125 -37.16 -14.77 22.13
C PRO D 125 -38.27 -15.58 22.78
N SER D 126 -38.20 -15.67 24.10
CA SER D 126 -39.25 -16.25 24.91
C SER D 126 -39.88 -15.15 25.77
N VAL D 127 -41.20 -14.99 25.65
CA VAL D 127 -41.92 -13.92 26.33
C VAL D 127 -42.65 -14.49 27.52
N PHE D 128 -42.48 -13.85 28.67
CA PHE D 128 -43.16 -14.25 29.90
C PHE D 128 -43.83 -13.05 30.53
N PRO D 129 -44.96 -13.24 31.21
CA PRO D 129 -45.70 -12.11 31.78
C PRO D 129 -45.18 -11.69 33.13
N LEU D 130 -45.07 -10.37 33.31
CA LEU D 130 -44.83 -9.78 34.63
C LEU D 130 -46.19 -9.38 35.19
N ALA D 131 -46.86 -10.36 35.78
CA ALA D 131 -48.25 -10.17 36.19
C ALA D 131 -48.34 -9.13 37.30
N PRO D 132 -49.37 -8.29 37.29
CA PRO D 132 -49.55 -7.30 38.36
C PRO D 132 -49.85 -7.98 39.68
N SER D 133 -49.47 -7.30 40.76
CA SER D 133 -49.69 -7.80 42.11
C SER D 133 -50.22 -6.66 42.97
N SER D 134 -50.25 -6.89 44.28
CA SER D 134 -50.75 -5.89 45.23
C SER D 134 -49.88 -4.64 45.23
N GLY D 140 -53.06 3.55 43.85
CA GLY D 140 -53.74 4.17 42.73
C GLY D 140 -53.02 3.95 41.41
N THR D 141 -51.81 3.41 41.48
CA THR D 141 -50.99 3.15 40.31
C THR D 141 -50.49 1.71 40.37
N ALA D 142 -50.65 0.98 39.26
CA ALA D 142 -50.23 -0.41 39.17
C ALA D 142 -49.16 -0.56 38.09
N ALA D 143 -48.25 -1.50 38.32
CA ALA D 143 -47.12 -1.74 37.43
C ALA D 143 -47.21 -3.16 36.87
N LEU D 144 -47.01 -3.30 35.57
CA LEU D 144 -47.02 -4.58 34.89
C LEU D 144 -46.15 -4.50 33.67
N GLY D 145 -45.79 -5.66 33.12
CA GLY D 145 -44.94 -5.67 31.95
C GLY D 145 -44.73 -7.07 31.42
N CYS D 146 -43.76 -7.17 30.50
CA CYS D 146 -43.40 -8.44 29.88
C CYS D 146 -41.89 -8.64 29.98
N LEU D 147 -41.49 -9.90 29.91
CA LEU D 147 -40.08 -10.29 29.97
C LEU D 147 -39.71 -10.98 28.67
N VAL D 148 -38.79 -10.37 27.92
CA VAL D 148 -38.29 -10.91 26.66
C VAL D 148 -36.90 -11.45 26.91
N LYS D 149 -36.74 -12.76 26.76
CA LYS D 149 -35.52 -13.45 27.20
C LYS D 149 -35.00 -14.38 26.12
N ASP D 150 -33.67 -14.50 26.07
CA ASP D 150 -32.97 -15.51 25.27
C ASP D 150 -33.28 -15.36 23.78
N TYR D 151 -32.83 -14.25 23.22
CA TYR D 151 -32.94 -13.99 21.79
C TYR D 151 -31.60 -13.50 21.24
N PHE D 152 -31.44 -13.63 19.93
CA PHE D 152 -30.26 -13.19 19.21
C PHE D 152 -30.55 -13.19 17.71
N PRO D 153 -30.20 -12.13 16.97
CA PRO D 153 -29.55 -10.89 17.42
C PRO D 153 -30.49 -9.94 18.16
N GLU D 154 -30.04 -8.71 18.43
CA GLU D 154 -30.72 -7.81 19.34
C GLU D 154 -31.99 -7.13 18.80
N PRO D 155 -32.09 -6.72 17.50
CA PRO D 155 -33.25 -5.91 17.10
C PRO D 155 -34.55 -6.54 17.52
N VAL D 156 -35.20 -5.91 18.50
CA VAL D 156 -36.41 -6.43 19.13
C VAL D 156 -37.33 -5.26 19.44
N THR D 157 -38.60 -5.39 19.06
CA THR D 157 -39.58 -4.33 19.20
C THR D 157 -40.69 -4.81 20.11
N VAL D 158 -40.96 -4.05 21.17
CA VAL D 158 -42.01 -4.37 22.13
C VAL D 158 -43.00 -3.21 22.15
N SER D 159 -44.25 -3.50 21.86
CA SER D 159 -45.34 -2.53 21.90
C SER D 159 -46.40 -3.01 22.87
N TRP D 160 -47.31 -2.10 23.22
CA TRP D 160 -48.41 -2.41 24.13
C TRP D 160 -49.72 -2.02 23.47
N ASN D 161 -50.66 -2.96 23.44
CA ASN D 161 -51.95 -2.79 22.76
C ASN D 161 -51.74 -2.39 21.30
N SER D 162 -50.74 -3.01 20.67
CA SER D 162 -50.42 -2.80 19.25
C SER D 162 -50.17 -1.32 18.95
N GLY D 163 -49.26 -0.73 19.71
CA GLY D 163 -48.88 0.65 19.51
C GLY D 163 -49.85 1.68 20.05
N ALA D 164 -50.93 1.25 20.71
CA ALA D 164 -51.91 2.20 21.24
C ALA D 164 -51.47 2.73 22.60
N LEU D 165 -51.05 1.85 23.51
CA LEU D 165 -50.61 2.26 24.83
C LEU D 165 -49.15 2.68 24.76
N THR D 166 -48.90 3.98 24.93
CA THR D 166 -47.55 4.53 24.86
C THR D 166 -47.18 5.41 26.03
N SER D 167 -48.12 5.78 26.90
CA SER D 167 -47.85 6.64 28.03
C SER D 167 -47.47 5.81 29.25
N GLY D 168 -46.34 6.15 29.87
CA GLY D 168 -45.85 5.41 31.01
C GLY D 168 -45.19 4.09 30.67
N VAL D 169 -44.72 3.92 29.44
CA VAL D 169 -44.10 2.68 28.98
C VAL D 169 -42.60 2.84 29.04
N HIS D 170 -41.92 1.85 29.64
CA HIS D 170 -40.46 1.84 29.77
C HIS D 170 -39.93 0.52 29.24
N THR D 171 -39.26 0.56 28.09
CA THR D 171 -38.60 -0.60 27.52
C THR D 171 -37.11 -0.52 27.87
N PHE D 172 -36.65 -1.41 28.73
CA PHE D 172 -35.28 -1.35 29.20
C PHE D 172 -34.32 -1.80 28.09
N PRO D 173 -33.11 -1.21 28.05
CA PRO D 173 -32.11 -1.67 27.08
C PRO D 173 -31.76 -3.14 27.31
N ALA D 174 -31.50 -3.83 26.20
CA ALA D 174 -31.16 -5.25 26.28
C ALA D 174 -29.84 -5.43 27.03
N VAL D 175 -29.76 -6.51 27.80
CA VAL D 175 -28.55 -6.86 28.54
C VAL D 175 -28.04 -8.19 27.99
N LEU D 176 -26.73 -8.24 27.71
CA LEU D 176 -26.12 -9.43 27.14
C LEU D 176 -25.81 -10.41 28.27
N GLN D 177 -26.52 -11.53 28.29
CA GLN D 177 -26.31 -12.54 29.32
C GLN D 177 -25.01 -13.30 29.08
N SER D 178 -24.60 -14.05 30.10
CA SER D 178 -23.41 -14.89 30.00
C SER D 178 -23.57 -16.04 29.02
N SER D 179 -24.80 -16.31 28.57
CA SER D 179 -25.04 -17.35 27.59
C SER D 179 -24.80 -16.89 26.15
N GLY D 180 -24.43 -15.62 25.95
CA GLY D 180 -24.27 -15.07 24.63
C GLY D 180 -25.56 -14.57 24.00
N LEU D 181 -26.66 -14.60 24.73
CA LEU D 181 -27.97 -14.15 24.25
C LEU D 181 -28.36 -12.88 25.01
N TYR D 182 -29.49 -12.30 24.61
CA TYR D 182 -29.98 -11.06 25.19
C TYR D 182 -31.25 -11.32 25.99
N SER D 183 -31.60 -10.33 26.83
CA SER D 183 -32.81 -10.38 27.63
C SER D 183 -33.30 -8.96 27.86
N LEU D 184 -34.58 -8.73 27.59
CA LEU D 184 -35.18 -7.40 27.66
C LEU D 184 -36.46 -7.46 28.47
N SER D 185 -36.73 -6.37 29.19
CA SER D 185 -37.94 -6.22 29.98
C SER D 185 -38.61 -4.90 29.62
N SER D 186 -39.92 -4.95 29.36
CA SER D 186 -40.71 -3.75 29.09
C SER D 186 -41.85 -3.71 30.08
N VAL D 187 -42.04 -2.55 30.72
CA VAL D 187 -43.06 -2.38 31.75
C VAL D 187 -43.86 -1.12 31.45
N VAL D 188 -45.09 -1.09 31.97
CA VAL D 188 -45.98 0.04 31.77
C VAL D 188 -46.57 0.45 33.12
N THR D 189 -47.08 1.68 33.16
CA THR D 189 -47.70 2.26 34.34
C THR D 189 -49.15 2.56 34.04
N VAL D 190 -50.06 1.87 34.73
CA VAL D 190 -51.50 2.05 34.51
C VAL D 190 -52.18 2.18 35.88
N PRO D 191 -53.34 2.83 35.95
CA PRO D 191 -54.06 2.91 37.24
C PRO D 191 -54.48 1.53 37.71
N SER D 192 -54.56 1.38 39.04
CA SER D 192 -54.93 0.11 39.65
C SER D 192 -56.42 -0.20 39.52
N SER D 193 -57.15 0.58 38.71
CA SER D 193 -58.58 0.37 38.49
C SER D 193 -58.88 -0.39 37.20
N SER D 194 -58.16 -0.09 36.12
CA SER D 194 -58.42 -0.69 34.82
C SER D 194 -57.76 -2.07 34.65
N LEU D 195 -57.32 -2.70 35.73
CA LEU D 195 -56.71 -4.03 35.61
C LEU D 195 -57.71 -5.07 35.13
N GLY D 196 -58.94 -5.01 35.64
CA GLY D 196 -59.96 -5.96 35.25
C GLY D 196 -60.82 -5.50 34.10
N THR D 197 -61.02 -4.19 33.99
CA THR D 197 -61.86 -3.65 32.93
C THR D 197 -61.16 -3.66 31.58
N GLN D 198 -59.84 -3.49 31.57
CA GLN D 198 -59.06 -3.38 30.33
C GLN D 198 -58.08 -4.53 30.23
N THR D 199 -57.76 -4.91 28.99
CA THR D 199 -56.86 -6.02 28.72
C THR D 199 -55.58 -5.49 28.08
N TYR D 200 -54.44 -5.86 28.66
CA TYR D 200 -53.13 -5.41 28.20
C TYR D 200 -52.38 -6.57 27.56
N ILE D 201 -51.87 -6.34 26.35
CA ILE D 201 -51.09 -7.32 25.62
C ILE D 201 -49.82 -6.65 25.12
N CYS D 202 -48.68 -7.31 25.32
CA CYS D 202 -47.40 -6.80 24.83
C CYS D 202 -47.07 -7.49 23.51
N ASN D 203 -46.68 -6.69 22.52
CA ASN D 203 -46.42 -7.18 21.16
C ASN D 203 -44.90 -7.24 20.98
N VAL D 204 -44.35 -8.45 21.03
CA VAL D 204 -42.92 -8.67 20.91
C VAL D 204 -42.63 -9.18 19.50
N ASN D 205 -41.76 -8.48 18.78
CA ASN D 205 -41.40 -8.84 17.41
C ASN D 205 -39.89 -8.95 17.31
N HIS D 206 -39.43 -10.06 16.74
CA HIS D 206 -37.99 -10.32 16.51
C HIS D 206 -37.84 -10.65 15.02
N LYS D 207 -37.61 -9.63 14.21
CA LYS D 207 -37.50 -9.83 12.77
C LYS D 207 -36.43 -10.83 12.35
N PRO D 208 -35.20 -10.81 12.90
CA PRO D 208 -34.19 -11.76 12.42
C PRO D 208 -34.60 -13.22 12.55
N SER D 209 -35.43 -13.56 13.54
CA SER D 209 -35.96 -14.91 13.68
C SER D 209 -37.39 -15.02 13.18
N ASN D 210 -37.99 -13.92 12.74
CA ASN D 210 -39.39 -13.86 12.29
C ASN D 210 -40.36 -14.32 13.38
N THR D 211 -39.94 -14.24 14.64
CA THR D 211 -40.77 -14.66 15.76
C THR D 211 -41.61 -13.49 16.24
N LYS D 212 -42.92 -13.70 16.33
CA LYS D 212 -43.85 -12.68 16.81
C LYS D 212 -44.70 -13.29 17.92
N VAL D 213 -44.73 -12.63 19.07
CA VAL D 213 -45.48 -13.10 20.24
C VAL D 213 -46.35 -11.96 20.74
N ASP D 214 -47.65 -12.20 20.82
CA ASP D 214 -48.60 -11.30 21.47
C ASP D 214 -49.00 -11.96 22.77
N LYS D 215 -48.46 -11.45 23.88
CA LYS D 215 -48.62 -12.07 25.19
C LYS D 215 -49.56 -11.25 26.05
N LYS D 216 -50.60 -11.90 26.57
CA LYS D 216 -51.57 -11.26 27.43
C LYS D 216 -51.10 -11.32 28.88
N VAL D 217 -51.25 -10.20 29.58
CA VAL D 217 -50.81 -10.07 30.97
C VAL D 217 -52.02 -9.70 31.83
N GLU D 218 -52.18 -10.40 32.96
CA GLU D 218 -53.29 -10.17 33.86
C GLU D 218 -52.93 -10.71 35.23
N PRO D 219 -53.45 -10.13 36.31
CA PRO D 219 -53.09 -10.59 37.65
C PRO D 219 -53.52 -12.04 37.88
N LYS D 220 -52.73 -12.75 38.68
CA LYS D 220 -53.01 -14.15 39.01
C LYS D 220 -54.02 -14.25 40.14
N ASP E 1 -0.23 11.71 18.18
CA ASP E 1 -1.10 11.18 19.20
C ASP E 1 -1.40 12.22 20.27
N ILE E 2 -2.17 13.24 19.93
CA ILE E 2 -2.55 14.29 20.86
C ILE E 2 -3.67 13.77 21.76
N GLN E 3 -3.45 13.82 23.06
CA GLN E 3 -4.44 13.35 24.03
C GLN E 3 -5.40 14.46 24.41
N LEU E 4 -6.68 14.10 24.51
CA LEU E 4 -7.73 15.04 24.90
C LEU E 4 -8.50 14.44 26.06
N THR E 5 -8.38 15.03 27.24
CA THR E 5 -9.13 14.63 28.42
C THR E 5 -10.05 15.77 28.83
N GLN E 6 -11.34 15.47 28.98
CA GLN E 6 -12.35 16.48 29.27
C GLN E 6 -13.05 16.17 30.59
N SER E 7 -13.41 17.22 31.30
CA SER E 7 -14.10 17.12 32.58
C SER E 7 -15.28 18.08 32.62
N PRO E 8 -16.34 17.74 33.37
CA PRO E 8 -16.55 16.50 34.13
C PRO E 8 -17.05 15.35 33.26
N ASP E 9 -17.09 14.13 33.81
CA ASP E 9 -17.62 13.00 33.04
C ASP E 9 -19.13 13.11 32.90
N SER E 10 -19.82 13.48 33.97
CA SER E 10 -21.27 13.67 33.95
C SER E 10 -21.60 15.04 34.52
N LEU E 11 -22.60 15.69 33.92
CA LEU E 11 -23.01 17.03 34.31
C LEU E 11 -24.52 17.09 34.47
N ALA E 12 -24.97 17.74 35.53
CA ALA E 12 -26.39 17.92 35.82
C ALA E 12 -26.68 19.40 35.91
N VAL E 13 -27.43 19.93 34.94
CA VAL E 13 -27.77 21.34 34.87
C VAL E 13 -29.28 21.46 34.69
N SER E 14 -29.88 22.39 35.44
CA SER E 14 -31.33 22.59 35.36
C SER E 14 -31.72 23.23 34.04
N LEU E 15 -33.00 23.14 33.72
CA LEU E 15 -33.52 23.76 32.51
C LEU E 15 -33.36 25.27 32.58
N GLY E 16 -32.69 25.84 31.56
CA GLY E 16 -32.45 27.26 31.50
C GLY E 16 -31.15 27.71 32.14
N GLU E 17 -30.49 26.85 32.91
CA GLU E 17 -29.21 27.20 33.52
C GLU E 17 -28.08 26.92 32.53
N ARG E 18 -26.85 27.21 32.97
CA ARG E 18 -25.67 27.17 32.11
C ARG E 18 -24.91 25.87 32.32
N ALA E 19 -24.53 25.22 31.22
CA ALA E 19 -23.73 24.00 31.24
C ALA E 19 -22.35 24.29 30.69
N THR E 20 -21.32 23.90 31.44
CA THR E 20 -19.94 24.17 31.08
C THR E 20 -19.16 22.85 31.03
N ILE E 21 -18.42 22.65 29.94
CA ILE E 21 -17.59 21.46 29.75
C ILE E 21 -16.19 21.91 29.39
N ASN E 22 -15.20 21.41 30.13
CA ASN E 22 -13.80 21.75 29.88
C ASN E 22 -13.11 20.61 29.14
N CYS E 23 -12.22 20.97 28.21
CA CYS E 23 -11.48 20.00 27.40
C CYS E 23 -10.00 20.36 27.48
N LYS E 24 -9.19 19.43 27.99
CA LYS E 24 -7.77 19.65 28.19
C LYS E 24 -6.98 18.93 27.10
N SER E 25 -6.00 19.62 26.53
CA SER E 25 -5.19 19.10 25.42
C SER E 25 -3.77 18.85 25.89
N SER E 26 -3.18 17.75 25.41
CA SER E 26 -1.79 17.44 25.75
C SER E 26 -0.84 18.38 25.02
N GLN E 27 -0.95 18.45 23.70
CA GLN E 27 -0.18 19.38 22.89
C GLN E 27 -1.07 20.55 22.48
N SER E 28 -0.43 21.61 21.97
CA SER E 28 -1.18 22.71 21.39
C SER E 28 -1.79 22.29 20.06
N VAL E 29 -2.95 22.87 19.75
CA VAL E 29 -3.68 22.52 18.53
C VAL E 29 -3.90 23.79 17.71
N LEU E 30 -2.97 24.73 17.81
CA LEU E 30 -3.09 26.03 17.14
C LEU E 30 -2.24 26.04 15.88
N TYR E 31 -2.85 26.42 14.76
CA TYR E 31 -2.12 26.65 13.51
C TYR E 31 -1.66 28.10 13.49
N SER E 32 -0.35 28.30 13.60
CA SER E 32 0.19 29.66 13.64
C SER E 32 -0.05 30.40 12.34
N SER E 33 0.08 29.71 11.20
CA SER E 33 -0.05 30.35 9.90
C SER E 33 -1.46 30.88 9.65
N ILE E 34 -2.47 30.36 10.36
CA ILE E 34 -3.84 30.83 10.21
C ILE E 34 -4.41 31.41 11.50
N ASN E 35 -3.75 31.18 12.64
CA ASN E 35 -4.20 31.66 13.95
C ASN E 35 -5.63 31.16 14.25
N LYS E 36 -5.78 29.84 14.21
CA LYS E 36 -7.04 29.19 14.53
C LYS E 36 -6.74 27.85 15.18
N ASN E 37 -7.29 27.63 16.37
CA ASN E 37 -7.12 26.36 17.05
C ASN E 37 -7.97 25.29 16.35
N TYR E 38 -7.36 24.13 16.07
CA TYR E 38 -8.03 23.07 15.34
C TYR E 38 -8.69 22.10 16.32
N LEU E 39 -9.74 22.60 16.98
CA LEU E 39 -10.53 21.81 17.92
C LEU E 39 -12.00 21.96 17.59
N ALA E 40 -12.77 20.89 17.79
CA ALA E 40 -14.17 20.86 17.45
C ALA E 40 -14.96 20.26 18.60
N TRP E 41 -16.26 20.56 18.61
CA TRP E 41 -17.21 20.02 19.58
C TRP E 41 -18.32 19.29 18.85
N TYR E 42 -18.70 18.13 19.36
CA TYR E 42 -19.72 17.29 18.76
C TYR E 42 -20.80 16.94 19.77
N GLN E 43 -22.03 16.80 19.29
CA GLN E 43 -23.16 16.39 20.10
C GLN E 43 -23.68 15.07 19.57
N GLN E 44 -23.92 14.11 20.46
CA GLN E 44 -24.43 12.79 20.08
C GLN E 44 -25.61 12.45 20.97
N LYS E 45 -26.82 12.64 20.46
CA LYS E 45 -28.01 12.21 21.16
C LYS E 45 -28.09 10.68 21.16
N PRO E 46 -28.70 10.09 22.19
CA PRO E 46 -28.74 8.62 22.26
C PRO E 46 -29.39 8.00 21.04
N GLY E 47 -28.76 6.95 20.52
CA GLY E 47 -29.25 6.26 19.35
C GLY E 47 -29.06 6.98 18.03
N GLN E 48 -28.30 8.08 18.02
CA GLN E 48 -28.10 8.87 16.82
C GLN E 48 -26.62 9.14 16.61
N PRO E 49 -26.20 9.36 15.37
CA PRO E 49 -24.78 9.67 15.11
C PRO E 49 -24.40 11.03 15.64
N PRO E 50 -23.11 11.27 15.88
CA PRO E 50 -22.68 12.59 16.36
C PRO E 50 -22.93 13.68 15.34
N LYS E 51 -23.20 14.88 15.85
CA LYS E 51 -23.45 16.05 15.01
C LYS E 51 -22.45 17.15 15.39
N LEU E 52 -21.84 17.75 14.37
CA LEU E 52 -20.83 18.78 14.59
C LEU E 52 -21.51 20.09 14.99
N LEU E 53 -21.13 20.62 16.15
CA LEU E 53 -21.70 21.86 16.66
C LEU E 53 -20.79 23.06 16.43
N ILE E 54 -19.56 23.00 16.92
CA ILE E 54 -18.63 24.12 16.89
C ILE E 54 -17.30 23.64 16.33
N TYR E 55 -16.72 24.44 15.43
CA TYR E 55 -15.42 24.15 14.85
C TYR E 55 -14.51 25.37 15.02
N TRP E 56 -13.20 25.10 15.04
CA TRP E 56 -12.18 26.13 15.22
C TRP E 56 -12.33 26.86 16.55
N THR E 57 -12.91 26.17 17.54
CA THR E 57 -12.94 26.57 18.95
C THR E 57 -13.90 27.73 19.20
N SER E 58 -14.33 28.40 18.16
CA SER E 58 -15.27 29.50 18.36
C SER E 58 -16.46 29.47 17.42
N THR E 59 -16.25 29.06 16.17
CA THR E 59 -17.28 29.18 15.15
C THR E 59 -18.23 28.00 15.21
N ARG E 60 -19.52 28.29 15.29
CA ARG E 60 -20.54 27.25 15.34
C ARG E 60 -21.00 26.88 13.93
N GLU E 61 -21.36 25.62 13.76
CA GLU E 61 -21.86 25.14 12.49
C GLU E 61 -23.19 25.81 12.15
N SER E 62 -23.46 25.96 10.86
CA SER E 62 -24.71 26.56 10.43
C SER E 62 -25.90 25.76 10.93
N GLY E 63 -26.91 26.46 11.44
CA GLY E 63 -28.07 25.83 12.03
C GLY E 63 -27.98 25.57 13.51
N VAL E 64 -26.80 25.71 14.11
CA VAL E 64 -26.67 25.54 15.56
C VAL E 64 -27.26 26.76 16.26
N PRO E 65 -28.10 26.58 17.28
CA PRO E 65 -28.64 27.74 17.99
C PRO E 65 -27.54 28.53 18.67
N ASP E 66 -27.80 29.83 18.84
CA ASP E 66 -26.83 30.77 19.40
C ASP E 66 -26.50 30.50 20.86
N ARG E 67 -27.10 29.49 21.48
CA ARG E 67 -26.85 29.18 22.87
C ARG E 67 -25.65 28.27 23.08
N PHE E 68 -25.03 27.78 22.02
CA PHE E 68 -23.82 26.98 22.11
C PHE E 68 -22.62 27.86 21.77
N SER E 69 -21.72 28.03 22.75
CA SER E 69 -20.58 28.92 22.60
C SER E 69 -19.30 28.16 22.91
N GLY E 70 -18.31 28.29 22.03
CA GLY E 70 -17.01 27.69 22.24
C GLY E 70 -16.01 28.74 22.70
N SER E 71 -15.02 28.29 23.47
CA SER E 71 -14.04 29.20 24.05
C SER E 71 -12.77 28.42 24.36
N GLY E 72 -11.70 29.16 24.61
CA GLY E 72 -10.43 28.59 25.00
C GLY E 72 -9.36 28.79 23.94
N SER E 73 -8.13 28.47 24.34
CA SER E 73 -6.99 28.55 23.43
C SER E 73 -5.86 27.69 24.01
N GLY E 74 -4.91 27.36 23.15
CA GLY E 74 -3.76 26.57 23.57
C GLY E 74 -4.12 25.13 23.89
N THR E 75 -4.10 24.78 25.18
CA THR E 75 -4.44 23.45 25.64
C THR E 75 -5.69 23.41 26.50
N ASP E 76 -6.28 24.57 26.79
CA ASP E 76 -7.49 24.65 27.61
C ASP E 76 -8.64 25.14 26.73
N PHE E 77 -9.72 24.36 26.69
CA PHE E 77 -10.88 24.68 25.87
C PHE E 77 -12.16 24.38 26.66
N THR E 78 -13.15 25.26 26.52
CA THR E 78 -14.41 25.12 27.23
C THR E 78 -15.58 25.22 26.26
N LEU E 79 -16.57 24.36 26.45
CA LEU E 79 -17.84 24.43 25.75
C LEU E 79 -18.90 24.91 26.74
N THR E 80 -19.58 25.99 26.39
CA THR E 80 -20.59 26.60 27.26
C THR E 80 -21.94 26.55 26.56
N ILE E 81 -22.90 25.89 27.20
CA ILE E 81 -24.29 25.87 26.72
C ILE E 81 -25.06 26.85 27.59
N SER E 82 -25.12 28.11 27.15
CA SER E 82 -25.95 29.10 27.83
C SER E 82 -27.41 28.68 27.69
N SER E 83 -28.14 28.73 28.81
CA SER E 83 -29.47 28.11 28.91
C SER E 83 -29.38 26.62 28.63
N LEU E 84 -30.49 25.90 28.79
CA LEU E 84 -30.46 24.45 28.55
C LEU E 84 -31.89 24.00 28.22
N GLN E 85 -32.15 23.78 26.95
CA GLN E 85 -33.40 23.16 26.53
C GLN E 85 -33.30 21.64 26.68
N ALA E 86 -34.45 21.00 26.82
CA ALA E 86 -34.49 19.55 26.99
C ALA E 86 -34.00 18.81 25.75
N GLU E 87 -33.92 19.49 24.61
CA GLU E 87 -33.41 18.89 23.38
C GLU E 87 -31.89 18.79 23.36
N ASP E 88 -31.22 19.20 24.43
CA ASP E 88 -29.76 19.17 24.50
C ASP E 88 -29.23 17.99 25.30
N VAL E 89 -30.09 17.08 25.74
CA VAL E 89 -29.66 15.94 26.55
C VAL E 89 -28.91 14.95 25.66
N ALA E 90 -27.58 14.94 25.77
CA ALA E 90 -26.75 14.10 24.92
C ALA E 90 -25.38 13.97 25.58
N VAL E 91 -24.44 13.39 24.85
CA VAL E 91 -23.04 13.29 25.26
C VAL E 91 -22.21 14.14 24.31
N TYR E 92 -21.37 15.01 24.88
CA TYR E 92 -20.59 15.97 24.10
C TYR E 92 -19.12 15.56 24.12
N TYR E 93 -18.51 15.53 22.94
CA TYR E 93 -17.10 15.19 22.78
C TYR E 93 -16.34 16.38 22.22
N CYS E 94 -15.07 16.48 22.59
CA CYS E 94 -14.15 17.43 21.97
C CYS E 94 -13.12 16.64 21.17
N GLN E 95 -12.97 16.99 19.90
CA GLN E 95 -12.09 16.29 18.98
C GLN E 95 -11.15 17.29 18.34
N GLN E 96 -9.90 16.87 18.12
CA GLN E 96 -8.89 17.69 17.48
C GLN E 96 -8.59 17.14 16.10
N TYR E 97 -8.39 18.05 15.15
CA TYR E 97 -7.93 17.70 13.80
C TYR E 97 -6.67 18.47 13.45
N TYR E 98 -5.90 18.88 14.47
CA TYR E 98 -4.63 19.56 14.24
C TYR E 98 -3.65 18.64 13.54
N SER E 99 -3.57 17.38 13.95
CA SER E 99 -2.62 16.43 13.40
C SER E 99 -3.20 15.03 13.47
N THR E 100 -2.99 14.26 12.41
CA THR E 100 -3.39 12.86 12.42
C THR E 100 -2.51 12.07 13.39
N PRO E 101 -3.06 11.07 14.07
CA PRO E 101 -4.46 10.61 14.01
C PRO E 101 -5.41 11.50 14.80
N TYR E 102 -6.65 11.65 14.35
CA TYR E 102 -7.63 12.43 15.10
C TYR E 102 -7.97 11.72 16.40
N THR E 103 -8.18 12.50 17.46
CA THR E 103 -8.47 11.96 18.78
C THR E 103 -9.66 12.69 19.39
N PHE E 104 -10.54 11.93 20.03
CA PHE E 104 -11.72 12.46 20.71
C PHE E 104 -11.48 12.52 22.21
N GLY E 105 -12.40 13.19 22.90
CA GLY E 105 -12.44 13.12 24.34
C GLY E 105 -13.14 11.85 24.82
N GLN E 106 -13.10 11.63 26.13
CA GLN E 106 -13.73 10.44 26.68
C GLN E 106 -15.25 10.55 26.72
N GLY E 107 -15.79 11.76 26.64
CA GLY E 107 -17.23 11.93 26.60
C GLY E 107 -17.75 12.56 27.89
N THR E 108 -18.70 13.48 27.75
CA THR E 108 -19.36 14.13 28.88
C THR E 108 -20.86 14.06 28.67
N LYS E 109 -21.55 13.36 29.57
CA LYS E 109 -22.99 13.24 29.49
C LYS E 109 -23.65 14.43 30.18
N VAL E 110 -24.64 15.01 29.51
CA VAL E 110 -25.38 16.15 30.03
C VAL E 110 -26.81 15.70 30.28
N GLU E 111 -27.22 15.70 31.55
CA GLU E 111 -28.58 15.39 31.95
C GLU E 111 -29.25 16.64 32.51
N ILE E 112 -30.58 16.63 32.48
CA ILE E 112 -31.35 17.72 33.05
C ILE E 112 -31.44 17.52 34.56
N LYS E 113 -30.98 18.50 35.32
CA LYS E 113 -31.08 18.43 36.77
C LYS E 113 -32.51 18.70 37.20
N ARG E 114 -33.05 17.82 38.05
CA ARG E 114 -34.41 17.96 38.53
C ARG E 114 -34.43 17.73 40.04
N THR E 115 -35.62 17.74 40.62
CA THR E 115 -35.77 17.55 42.05
C THR E 115 -35.59 16.08 42.42
N VAL E 116 -35.14 15.86 43.65
CA VAL E 116 -34.89 14.51 44.15
C VAL E 116 -36.21 13.75 44.23
N ALA E 117 -36.35 12.71 43.41
CA ALA E 117 -37.55 11.90 43.35
C ALA E 117 -37.21 10.48 43.78
N ALA E 118 -37.95 9.96 44.76
CA ALA E 118 -37.73 8.61 45.23
C ALA E 118 -38.26 7.59 44.22
N PRO E 119 -37.58 6.45 44.08
CA PRO E 119 -38.06 5.42 43.15
C PRO E 119 -39.33 4.75 43.66
N SER E 120 -40.11 4.23 42.73
CA SER E 120 -41.26 3.39 43.03
C SER E 120 -40.83 1.94 42.80
N VAL E 121 -40.72 1.18 43.89
CA VAL E 121 -40.13 -0.16 43.83
C VAL E 121 -41.24 -1.18 43.67
N PHE E 122 -41.16 -1.97 42.61
CA PHE E 122 -42.08 -3.07 42.36
C PHE E 122 -41.28 -4.34 42.10
N ILE E 123 -41.76 -5.47 42.62
CA ILE E 123 -41.11 -6.76 42.46
C ILE E 123 -42.12 -7.73 41.85
N PHE E 124 -41.64 -8.55 40.91
CA PHE E 124 -42.49 -9.47 40.17
C PHE E 124 -42.00 -10.91 40.35
N PRO E 125 -42.79 -11.79 40.97
CA PRO E 125 -42.39 -13.19 41.03
C PRO E 125 -42.36 -13.81 39.65
N PRO E 126 -41.54 -14.84 39.44
CA PRO E 126 -41.50 -15.48 38.12
C PRO E 126 -42.85 -16.09 37.76
N SER E 127 -43.21 -15.98 36.49
CA SER E 127 -44.49 -16.49 36.02
C SER E 127 -44.50 -18.01 36.07
N ASP E 128 -45.69 -18.57 36.27
CA ASP E 128 -45.85 -20.02 36.26
C ASP E 128 -45.48 -20.61 34.90
N GLU E 129 -45.74 -19.87 33.82
CA GLU E 129 -45.38 -20.36 32.49
C GLU E 129 -43.87 -20.53 32.35
N GLN E 130 -43.10 -19.56 32.84
CA GLN E 130 -41.65 -19.69 32.79
C GLN E 130 -41.15 -20.78 33.73
N LEU E 131 -41.83 -20.98 34.86
CA LEU E 131 -41.41 -21.99 35.81
C LEU E 131 -41.47 -23.40 35.22
N LYS E 132 -42.32 -23.61 34.21
CA LYS E 132 -42.38 -24.91 33.55
C LYS E 132 -41.05 -25.24 32.86
N SER E 133 -40.45 -24.24 32.20
CA SER E 133 -39.21 -24.47 31.47
C SER E 133 -38.03 -24.79 32.37
N GLY E 134 -38.12 -24.48 33.66
CA GLY E 134 -37.06 -24.78 34.59
C GLY E 134 -36.18 -23.62 35.00
N THR E 135 -36.52 -22.39 34.61
CA THR E 135 -35.76 -21.21 34.99
C THR E 135 -36.72 -20.18 35.57
N ALA E 136 -36.37 -19.61 36.71
CA ALA E 136 -37.20 -18.61 37.39
C ALA E 136 -36.50 -17.27 37.33
N SER E 137 -37.23 -16.24 36.89
CA SER E 137 -36.72 -14.88 36.79
C SER E 137 -37.52 -13.97 37.69
N VAL E 138 -36.84 -13.32 38.63
CA VAL E 138 -37.46 -12.34 39.53
C VAL E 138 -37.01 -10.96 39.11
N VAL E 139 -37.96 -10.06 38.87
CA VAL E 139 -37.70 -8.73 38.34
C VAL E 139 -38.06 -7.70 39.39
N CYS E 140 -37.11 -6.82 39.69
CA CYS E 140 -37.33 -5.69 40.58
C CYS E 140 -37.22 -4.40 39.77
N LEU E 141 -38.21 -3.52 39.93
CA LEU E 141 -38.33 -2.32 39.10
C LEU E 141 -38.31 -1.08 39.98
N LEU E 142 -37.49 -0.10 39.59
CA LEU E 142 -37.45 1.22 40.21
C LEU E 142 -37.91 2.19 39.12
N ASN E 143 -39.20 2.57 39.17
CA ASN E 143 -39.85 3.15 38.00
C ASN E 143 -39.37 4.56 37.72
N ASN E 144 -39.61 5.49 38.64
CA ASN E 144 -39.26 6.90 38.43
C ASN E 144 -38.44 7.39 39.60
N PHE E 145 -37.20 7.79 39.33
CA PHE E 145 -36.33 8.32 40.36
C PHE E 145 -35.27 9.22 39.74
N TYR E 146 -34.69 10.07 40.57
CA TYR E 146 -33.57 10.94 40.23
C TYR E 146 -32.87 11.27 41.53
N PRO E 147 -31.53 11.26 41.56
CA PRO E 147 -30.59 11.01 40.46
C PRO E 147 -30.48 9.54 40.06
N ARG E 148 -29.74 9.27 38.99
CA ARG E 148 -29.61 7.92 38.45
C ARG E 148 -28.97 6.95 39.44
N GLU E 149 -28.21 7.46 40.41
CA GLU E 149 -27.52 6.58 41.35
C GLU E 149 -28.51 5.84 42.23
N ALA E 150 -28.35 4.52 42.31
CA ALA E 150 -29.25 3.69 43.12
C ALA E 150 -28.58 2.35 43.35
N LYS E 151 -28.59 1.89 44.61
CA LYS E 151 -28.04 0.59 44.98
C LYS E 151 -29.16 -0.43 45.06
N VAL E 152 -28.99 -1.54 44.35
CA VAL E 152 -29.97 -2.62 44.34
C VAL E 152 -29.28 -3.90 44.80
N GLN E 153 -29.86 -4.56 45.80
CA GLN E 153 -29.32 -5.79 46.36
C GLN E 153 -30.41 -6.85 46.41
N TRP E 154 -30.03 -8.09 46.09
CA TRP E 154 -30.94 -9.22 46.15
C TRP E 154 -30.60 -10.07 47.37
N LYS E 155 -31.59 -10.29 48.23
CA LYS E 155 -31.42 -11.08 49.44
C LYS E 155 -32.54 -12.11 49.49
N VAL E 156 -32.18 -13.39 49.35
CA VAL E 156 -33.14 -14.49 49.38
C VAL E 156 -32.97 -15.20 50.72
N ASP E 157 -34.05 -15.24 51.50
CA ASP E 157 -34.01 -15.74 52.88
C ASP E 157 -32.92 -15.02 53.67
N ASN E 158 -32.86 -13.70 53.49
CA ASN E 158 -31.90 -12.83 54.17
C ASN E 158 -30.46 -13.24 53.89
N ALA E 159 -30.21 -13.80 52.70
CA ALA E 159 -28.87 -14.18 52.26
C ALA E 159 -28.57 -13.45 50.96
N LEU E 160 -27.42 -12.78 50.90
CA LEU E 160 -27.05 -12.00 49.73
C LEU E 160 -26.75 -12.92 48.54
N GLN E 161 -27.03 -12.41 47.34
CA GLN E 161 -26.81 -13.14 46.10
C GLN E 161 -25.79 -12.43 45.23
N SER E 162 -24.95 -13.21 44.56
CA SER E 162 -23.92 -12.68 43.67
C SER E 162 -23.91 -13.47 42.38
N GLY E 163 -23.68 -12.78 41.27
CA GLY E 163 -23.50 -13.42 39.98
C GLY E 163 -24.77 -13.90 39.30
N ASN E 164 -25.94 -13.57 39.83
CA ASN E 164 -27.21 -13.99 39.23
C ASN E 164 -28.17 -12.83 39.04
N SER E 165 -27.67 -11.59 39.03
CA SER E 165 -28.49 -10.41 38.87
C SER E 165 -27.88 -9.51 37.80
N GLN E 166 -28.74 -8.97 36.93
CA GLN E 166 -28.33 -8.06 35.88
C GLN E 166 -29.24 -6.84 35.89
N GLU E 167 -28.66 -5.67 35.65
CA GLU E 167 -29.37 -4.40 35.73
C GLU E 167 -29.44 -3.74 34.36
N SER E 168 -30.52 -3.01 34.14
CA SER E 168 -30.71 -2.23 32.92
C SER E 168 -31.39 -0.91 33.30
N VAL E 169 -30.90 0.19 32.74
CA VAL E 169 -31.36 1.53 33.09
C VAL E 169 -31.84 2.22 31.82
N THR E 170 -33.00 2.87 31.90
CA THR E 170 -33.52 3.63 30.78
C THR E 170 -32.83 4.99 30.70
N GLU E 171 -33.08 5.69 29.60
CA GLU E 171 -32.59 7.05 29.44
C GLU E 171 -33.48 8.02 30.22
N GLN E 172 -33.02 9.26 30.32
CA GLN E 172 -33.79 10.28 31.03
C GLN E 172 -35.09 10.56 30.29
N ASP E 173 -36.21 10.47 31.00
CA ASP E 173 -37.50 10.65 30.38
C ASP E 173 -37.65 12.09 29.88
N SER E 174 -38.25 12.24 28.70
CA SER E 174 -38.23 13.51 28.00
C SER E 174 -39.03 14.61 28.69
N LYS E 175 -39.92 14.26 29.61
CA LYS E 175 -40.78 15.25 30.25
C LYS E 175 -40.44 15.48 31.72
N ASP E 176 -40.45 14.43 32.54
CA ASP E 176 -40.18 14.56 33.96
C ASP E 176 -38.73 14.27 34.33
N SER E 177 -37.89 13.91 33.36
CA SER E 177 -36.46 13.70 33.56
C SER E 177 -36.18 12.72 34.70
N THR E 178 -36.91 11.61 34.70
CA THR E 178 -36.72 10.55 35.68
C THR E 178 -36.09 9.33 35.02
N TYR E 179 -35.49 8.49 35.85
CA TYR E 179 -34.82 7.28 35.40
C TYR E 179 -35.57 6.04 35.86
N SER E 180 -35.44 4.97 35.07
CA SER E 180 -36.06 3.68 35.39
C SER E 180 -34.99 2.60 35.37
N LEU E 181 -34.96 1.80 36.43
CA LEU E 181 -33.98 0.73 36.57
C LEU E 181 -34.69 -0.59 36.82
N SER E 182 -34.21 -1.65 36.16
CA SER E 182 -34.74 -2.99 36.36
C SER E 182 -33.60 -3.93 36.69
N SER E 183 -33.73 -4.64 37.82
CA SER E 183 -32.78 -5.66 38.22
C SER E 183 -33.49 -7.01 38.16
N THR E 184 -32.94 -7.92 37.35
CA THR E 184 -33.54 -9.23 37.13
C THR E 184 -32.67 -10.31 37.78
N LEU E 185 -33.29 -11.11 38.64
CA LEU E 185 -32.62 -12.21 39.32
C LEU E 185 -32.98 -13.52 38.62
N THR E 186 -31.97 -14.21 38.10
CA THR E 186 -32.17 -15.43 37.35
C THR E 186 -31.68 -16.63 38.14
N LEU E 187 -32.53 -17.65 38.27
CA LEU E 187 -32.21 -18.86 39.01
C LEU E 187 -32.85 -20.05 38.33
N SER E 188 -32.28 -21.22 38.57
CA SER E 188 -32.90 -22.47 38.13
C SER E 188 -34.12 -22.77 38.99
N LYS E 189 -35.00 -23.63 38.45
CA LYS E 189 -36.20 -24.00 39.20
C LYS E 189 -35.84 -24.72 40.48
N ALA E 190 -34.82 -25.59 40.43
CA ALA E 190 -34.38 -26.27 41.65
C ALA E 190 -33.89 -25.28 42.69
N ASP E 191 -33.03 -24.33 42.28
CA ASP E 191 -32.57 -23.31 43.20
C ASP E 191 -33.71 -22.41 43.65
N TYR E 192 -34.65 -22.13 42.76
CA TYR E 192 -35.76 -21.24 43.11
C TYR E 192 -36.66 -21.85 44.17
N GLU E 193 -36.90 -23.16 44.10
CA GLU E 193 -37.80 -23.82 45.03
C GLU E 193 -37.10 -24.28 46.30
N LYS E 194 -35.81 -24.03 46.44
CA LYS E 194 -35.08 -24.33 47.68
C LYS E 194 -35.15 -23.18 48.68
N HIS E 195 -35.89 -22.12 48.37
CA HIS E 195 -35.98 -20.95 49.25
C HIS E 195 -37.41 -20.43 49.24
N LYS E 196 -37.72 -19.58 50.22
CA LYS E 196 -39.07 -19.10 50.44
C LYS E 196 -39.22 -17.61 50.15
N VAL E 197 -38.42 -16.76 50.79
CA VAL E 197 -38.60 -15.32 50.74
C VAL E 197 -37.61 -14.72 49.75
N TYR E 198 -38.11 -13.91 48.82
CA TYR E 198 -37.30 -13.25 47.80
C TYR E 198 -37.49 -11.74 47.95
N ALA E 199 -36.47 -11.08 48.49
CA ALA E 199 -36.53 -9.66 48.79
C ALA E 199 -35.63 -8.87 47.86
N CYS E 200 -36.04 -7.64 47.56
CA CYS E 200 -35.28 -6.70 46.74
C CYS E 200 -35.05 -5.45 47.56
N GLU E 201 -33.80 -5.22 47.97
CA GLU E 201 -33.45 -4.09 48.80
C GLU E 201 -32.91 -2.96 47.93
N VAL E 202 -33.44 -1.76 48.13
CA VAL E 202 -33.13 -0.61 47.29
C VAL E 202 -32.63 0.52 48.18
N THR E 203 -31.47 1.09 47.83
CA THR E 203 -30.93 2.27 48.48
C THR E 203 -30.91 3.41 47.48
N HIS E 204 -31.48 4.56 47.88
CA HIS E 204 -31.55 5.71 47.00
C HIS E 204 -31.47 6.98 47.83
N GLN E 205 -31.07 8.08 47.17
CA GLN E 205 -30.96 9.36 47.85
C GLN E 205 -32.31 9.85 48.34
N GLY E 206 -33.36 9.64 47.56
CA GLY E 206 -34.71 10.06 47.90
C GLY E 206 -35.41 9.18 48.92
N LEU E 207 -34.72 8.19 49.48
CA LEU E 207 -35.27 7.32 50.50
C LEU E 207 -34.51 7.54 51.81
N SER E 208 -35.23 7.84 52.87
CA SER E 208 -34.59 8.03 54.18
C SER E 208 -33.92 6.74 54.65
N SER E 209 -34.59 5.61 54.44
CA SER E 209 -34.08 4.29 54.77
C SER E 209 -34.26 3.39 53.57
N PRO E 210 -33.46 2.33 53.44
CA PRO E 210 -33.62 1.41 52.31
C PRO E 210 -35.01 0.79 52.28
N VAL E 211 -35.55 0.64 51.07
CA VAL E 211 -36.87 0.09 50.85
C VAL E 211 -36.72 -1.35 50.36
N THR E 212 -37.42 -2.27 51.01
CA THR E 212 -37.35 -3.69 50.67
C THR E 212 -38.73 -4.16 50.21
N LYS E 213 -38.78 -4.74 49.01
CA LYS E 213 -39.97 -5.39 48.49
C LYS E 213 -39.71 -6.88 48.40
N SER E 214 -40.62 -7.68 48.95
CA SER E 214 -40.40 -9.11 49.07
C SER E 214 -41.69 -9.87 48.83
N PHE E 215 -41.55 -11.16 48.52
CA PHE E 215 -42.68 -12.06 48.36
C PHE E 215 -42.26 -13.46 48.78
N ASN E 216 -43.25 -14.31 49.03
CA ASN E 216 -43.02 -15.69 49.41
C ASN E 216 -43.50 -16.62 48.30
N ARG E 217 -42.75 -17.69 48.05
CA ARG E 217 -43.09 -18.65 47.01
C ARG E 217 -44.41 -19.35 47.34
C1 NAG F . -16.18 29.04 -15.56
C2 NAG F . -16.74 29.71 -14.29
C3 NAG F . -17.91 28.92 -13.71
C4 NAG F . -18.88 28.39 -14.77
C5 NAG F . -18.09 27.73 -15.90
C6 NAG F . -18.91 27.14 -17.02
C7 NAG F . -15.74 30.50 -12.14
C8 NAG F . -14.46 30.44 -11.33
N2 NAG F . -15.69 29.84 -13.32
O3 NAG F . -18.56 29.73 -12.78
O4 NAG F . -19.74 27.46 -14.13
O5 NAG F . -17.23 28.71 -16.44
O6 NAG F . -18.08 26.45 -17.91
O7 NAG F . -16.72 31.11 -11.74
C1 NAG F . -21.04 28.05 -13.95
C2 NAG F . -22.09 26.94 -13.94
C3 NAG F . -23.47 27.55 -13.75
C4 NAG F . -23.51 28.43 -12.51
C5 NAG F . -22.34 29.43 -12.54
C6 NAG F . -22.23 30.28 -11.29
C7 NAG F . -21.24 25.08 -15.34
C8 NAG F . -21.37 24.43 -16.69
N2 NAG F . -22.04 26.16 -15.15
O3 NAG F . -24.40 26.50 -13.68
O4 NAG F . -24.75 29.10 -12.53
O5 NAG F . -21.12 28.74 -12.73
O6 NAG F . -23.38 31.08 -11.13
O7 NAG F . -20.47 24.65 -14.49
C1 BMA F . -25.55 28.66 -11.40
C2 BMA F . -26.96 29.24 -11.61
C3 BMA F . -27.87 28.76 -10.46
C4 BMA F . -27.82 27.24 -10.24
C5 BMA F . -26.41 26.65 -10.32
C6 BMA F . -26.39 25.14 -10.50
O2 BMA F . -27.41 28.82 -12.87
O3 BMA F . -29.16 29.23 -10.75
O4 BMA F . -28.37 27.02 -8.95
O5 BMA F . -25.61 27.25 -11.33
O6 BMA F . -25.12 24.68 -10.12
C1 CIT G . 37.78 13.21 -15.76
O1 CIT G . 38.56 13.82 -15.00
O2 CIT G . 38.05 12.15 -16.38
C2 CIT G . 36.36 13.76 -15.95
C3 CIT G . 35.94 15.01 -15.15
O7 CIT G . 36.96 15.97 -15.31
C4 CIT G . 34.61 15.58 -15.66
C5 CIT G . 34.63 16.27 -17.04
O3 CIT G . 35.03 15.65 -18.03
O4 CIT G . 34.20 17.47 -17.07
C6 CIT G . 35.72 14.59 -13.66
O5 CIT G . 34.57 14.82 -13.21
O6 CIT G . 36.66 14.08 -13.02
C1 CIT H . 20.32 15.11 -25.50
O1 CIT H . 20.38 15.64 -24.37
O2 CIT H . 19.50 15.40 -26.40
C2 CIT H . 21.32 13.98 -25.82
C3 CIT H . 22.60 13.98 -24.96
O7 CIT H . 22.21 13.91 -23.60
C4 CIT H . 23.50 12.78 -25.29
C5 CIT H . 23.11 11.48 -24.58
O3 CIT H . 22.95 11.50 -23.35
O4 CIT H . 22.97 10.46 -25.31
C6 CIT H . 23.40 15.29 -25.26
O5 CIT H . 24.32 15.55 -24.45
O6 CIT H . 23.09 15.97 -26.25
#